data_5AGC
#
_entry.id   5AGC
#
_cell.length_a   82.750
_cell.length_b   92.430
_cell.length_c   160.750
_cell.angle_alpha   90.00
_cell.angle_beta   93.85
_cell.angle_gamma   90.00
#
_symmetry.space_group_name_H-M   'C 1 2 1'
#
_entity_poly.entity_id   1
_entity_poly.type   'polypeptide(L)'
_entity_poly.pdbx_seq_one_letter_code
;MMSDQENENEHAKAFLGLAKCEEEVDAIEREVELYRLNKMKPVYEKRDAYIDEIAEFWKIVLSQHVSFANYIRASDFKYI
DTIDKIKVEWLALESEMYDTRDFSITFHFHGIEGDFKEQQVTKVFQIKKGKDDQEDGILTSEPVPIEWPQSYDSINPDLI
KDKRSPEGKKKYRQGMKTIFGWFRWTGLKPGKEFPHGDSLASLFSEEIYPFCVKYYAEAQRDLEDEEGESGLSADGDSED
DDGSLGEVDLPLSDEEPSSKKRKV
;
_entity_poly.pdbx_strand_id   A,B,C,D
#
# COMPACT_ATOMS: atom_id res chain seq x y z
N ASN A 9 -15.27 -69.06 -14.28
CA ASN A 9 -14.46 -70.03 -13.48
C ASN A 9 -14.79 -69.73 -11.96
N GLU A 10 -15.94 -70.15 -11.44
CA GLU A 10 -17.32 -69.61 -11.72
C GLU A 10 -17.24 -68.16 -11.24
N HIS A 11 -17.08 -68.16 -9.97
CA HIS A 11 -17.38 -66.99 -9.14
C HIS A 11 -16.21 -66.07 -9.29
N ALA A 12 -15.02 -66.67 -9.29
CA ALA A 12 -13.78 -65.90 -9.40
C ALA A 12 -13.76 -65.24 -10.75
N LYS A 13 -14.06 -66.01 -11.79
CA LYS A 13 -14.05 -65.49 -13.16
C LYS A 13 -15.04 -64.35 -13.25
N ALA A 14 -16.21 -64.55 -12.65
CA ALA A 14 -17.27 -63.54 -12.68
C ALA A 14 -16.81 -62.24 -12.00
N PHE A 15 -16.27 -62.37 -10.80
CA PHE A 15 -15.84 -61.21 -10.04
C PHE A 15 -14.76 -60.44 -10.80
N LEU A 16 -13.83 -61.17 -11.41
CA LEU A 16 -12.77 -60.52 -12.16
C LEU A 16 -13.37 -59.80 -13.34
N GLY A 17 -14.33 -60.46 -13.99
CA GLY A 17 -14.96 -59.88 -15.15
C GLY A 17 -15.72 -58.62 -14.82
N LEU A 18 -16.42 -58.65 -13.70
CA LEU A 18 -17.23 -57.51 -13.28
C LEU A 18 -16.35 -56.31 -12.88
N ALA A 19 -15.24 -56.61 -12.22
CA ALA A 19 -14.32 -55.56 -11.80
C ALA A 19 -13.80 -54.84 -13.04
N LYS A 20 -13.49 -55.61 -14.09
CA LYS A 20 -13.00 -55.01 -15.32
C LYS A 20 -14.07 -54.17 -15.99
N CYS A 21 -15.31 -54.61 -15.93
CA CYS A 21 -16.41 -53.88 -16.56
C CYS A 21 -16.62 -52.51 -15.89
N GLU A 22 -16.49 -52.46 -14.57
CA GLU A 22 -16.59 -51.21 -13.85
C GLU A 22 -15.53 -50.21 -14.35
N GLU A 23 -14.33 -50.74 -14.52
CA GLU A 23 -13.21 -49.93 -14.97
C GLU A 23 -13.55 -49.34 -16.34
N GLU A 24 -14.15 -50.16 -17.20
CA GLU A 24 -14.55 -49.72 -18.55
C GLU A 24 -15.60 -48.65 -18.47
N VAL A 25 -16.50 -48.75 -17.50
CA VAL A 25 -17.53 -47.74 -17.28
C VAL A 25 -16.87 -46.40 -16.97
N ASP A 26 -15.89 -46.47 -16.06
CA ASP A 26 -15.23 -45.24 -15.66
C ASP A 26 -14.51 -44.57 -16.86
N ALA A 27 -13.91 -45.40 -17.69
CA ALA A 27 -13.24 -44.92 -18.90
C ALA A 27 -14.24 -44.27 -19.84
N ILE A 28 -15.40 -44.90 -19.97
CA ILE A 28 -16.44 -44.37 -20.84
C ILE A 28 -16.92 -43.02 -20.36
N GLU A 29 -17.14 -42.87 -19.05
CA GLU A 29 -17.60 -41.59 -18.54
C GLU A 29 -16.60 -40.46 -18.92
N ARG A 30 -15.32 -40.75 -18.82
CA ARG A 30 -14.32 -39.76 -19.19
C ARG A 30 -14.40 -39.43 -20.69
N GLU A 31 -14.48 -40.46 -21.52
CA GLU A 31 -14.58 -40.24 -22.96
C GLU A 31 -15.79 -39.40 -23.30
N VAL A 32 -16.91 -39.65 -22.64
CA VAL A 32 -18.13 -38.86 -22.86
C VAL A 32 -17.93 -37.41 -22.47
N GLU A 33 -17.27 -37.19 -21.34
CA GLU A 33 -17.05 -35.84 -20.86
C GLU A 33 -16.15 -35.04 -21.82
N LEU A 34 -15.12 -35.69 -22.35
CA LEU A 34 -14.20 -35.06 -23.29
C LEU A 34 -14.94 -34.65 -24.56
N TYR A 35 -15.83 -35.50 -25.01
CA TYR A 35 -16.65 -35.23 -26.17
C TYR A 35 -17.51 -34.00 -25.94
N ARG A 36 -18.17 -33.95 -24.80
CA ARG A 36 -19.00 -32.80 -24.44
C ARG A 36 -18.18 -31.52 -24.45
N LEU A 37 -17.03 -31.59 -23.78
CA LEU A 37 -16.22 -30.38 -23.64
C LEU A 37 -15.67 -29.89 -24.99
N ASN A 38 -15.30 -30.82 -25.86
CA ASN A 38 -14.80 -30.48 -27.20
C ASN A 38 -15.86 -29.80 -28.05
N LYS A 39 -17.07 -30.36 -28.04
CA LYS A 39 -18.15 -29.82 -28.83
C LYS A 39 -18.61 -28.46 -28.31
N MET A 40 -18.54 -28.28 -26.99
CA MET A 40 -18.99 -27.03 -26.38
C MET A 40 -18.01 -25.85 -26.55
N LYS A 41 -16.73 -26.20 -26.54
CA LYS A 41 -15.68 -25.19 -26.67
C LYS A 41 -15.97 -24.12 -27.76
N PRO A 42 -16.25 -24.57 -28.99
CA PRO A 42 -16.47 -23.65 -30.11
C PRO A 42 -17.70 -22.79 -29.90
N VAL A 43 -18.74 -23.35 -29.29
CA VAL A 43 -19.94 -22.58 -29.04
C VAL A 43 -19.71 -21.54 -27.97
N TYR A 44 -18.94 -21.90 -26.95
CA TYR A 44 -18.63 -20.91 -25.92
C TYR A 44 -17.85 -19.72 -26.52
N GLU A 45 -16.95 -20.00 -27.44
CA GLU A 45 -16.16 -18.92 -28.04
C GLU A 45 -17.03 -17.96 -28.84
N LYS A 46 -17.98 -18.52 -29.58
CA LYS A 46 -18.91 -17.73 -30.36
C LYS A 46 -19.79 -16.90 -29.45
N ARG A 47 -20.36 -17.55 -28.45
CA ARG A 47 -21.21 -16.89 -27.47
C ARG A 47 -20.51 -15.75 -26.77
N ASP A 48 -19.28 -16.02 -26.32
CA ASP A 48 -18.48 -15.02 -25.61
C ASP A 48 -18.27 -13.75 -26.46
N ALA A 49 -18.14 -13.96 -27.76
CA ALA A 49 -17.93 -12.87 -28.69
C ALA A 49 -19.14 -11.92 -28.67
N TYR A 50 -20.32 -12.51 -28.58
CA TYR A 50 -21.56 -11.73 -28.56
C TYR A 50 -21.71 -11.03 -27.22
N ILE A 51 -21.28 -11.73 -26.17
CA ILE A 51 -21.32 -11.19 -24.81
C ILE A 51 -20.51 -9.90 -24.69
N ASP A 52 -19.38 -9.86 -25.38
CA ASP A 52 -18.48 -8.71 -25.35
C ASP A 52 -19.13 -7.44 -25.89
N GLU A 53 -20.24 -7.60 -26.60
CA GLU A 53 -20.92 -6.45 -27.20
C GLU A 53 -21.95 -5.83 -26.24
N ILE A 54 -22.14 -6.48 -25.08
CA ILE A 54 -23.08 -5.95 -24.08
C ILE A 54 -22.31 -5.55 -22.84
N ALA A 55 -21.96 -4.27 -22.82
CA ALA A 55 -21.08 -3.69 -21.79
C ALA A 55 -21.41 -4.05 -20.33
N GLU A 56 -22.68 -3.98 -19.94
CA GLU A 56 -23.03 -4.19 -18.54
C GLU A 56 -23.46 -5.63 -18.19
N PHE A 57 -23.19 -6.55 -19.10
CA PHE A 57 -23.64 -7.93 -18.94
C PHE A 57 -23.29 -8.57 -17.59
N TRP A 58 -21.99 -8.68 -17.33
CA TRP A 58 -21.53 -9.36 -16.13
C TRP A 58 -21.95 -8.67 -14.86
N LYS A 59 -21.92 -7.35 -14.86
CA LYS A 59 -22.36 -6.61 -13.70
C LYS A 59 -23.76 -7.04 -13.30
N ILE A 60 -24.65 -7.09 -14.28
CA ILE A 60 -26.05 -7.45 -14.05
C ILE A 60 -26.22 -8.90 -13.58
N VAL A 61 -25.53 -9.79 -14.27
CA VAL A 61 -25.62 -11.22 -13.96
C VAL A 61 -25.15 -11.51 -12.53
N LEU A 62 -24.00 -10.97 -12.18
CA LEU A 62 -23.43 -11.22 -10.87
C LEU A 62 -24.27 -10.67 -9.72
N SER A 63 -24.96 -9.55 -9.96
CA SER A 63 -25.80 -8.98 -8.93
C SER A 63 -27.10 -9.76 -8.85
N GLN A 64 -27.43 -10.44 -9.94
CA GLN A 64 -28.67 -11.21 -10.02
C GLN A 64 -28.59 -12.57 -9.33
N HIS A 65 -27.43 -13.23 -9.41
CA HIS A 65 -27.34 -14.57 -8.85
C HIS A 65 -27.73 -14.55 -7.38
N VAL A 66 -28.42 -15.62 -7.00
CA VAL A 66 -29.03 -15.80 -5.69
C VAL A 66 -28.08 -15.92 -4.50
N SER A 67 -27.02 -16.68 -4.70
CA SER A 67 -26.19 -17.18 -3.59
C SER A 67 -24.76 -16.67 -3.66
N PHE A 68 -24.33 -16.26 -4.85
CA PHE A 68 -23.07 -15.59 -5.01
C PHE A 68 -22.86 -14.54 -3.93
N ALA A 69 -23.87 -13.70 -3.69
CA ALA A 69 -23.79 -12.63 -2.71
C ALA A 69 -23.47 -13.11 -1.31
N ASN A 70 -23.83 -14.35 -0.98
CA ASN A 70 -23.57 -14.92 0.35
C ASN A 70 -22.10 -15.09 0.65
N TYR A 71 -21.27 -15.13 -0.39
CA TYR A 71 -19.86 -15.42 -0.25
C TYR A 71 -18.96 -14.19 0.03
N ILE A 72 -19.44 -13.00 -0.29
CA ILE A 72 -18.57 -11.83 -0.28
C ILE A 72 -19.24 -10.59 0.30
N ARG A 73 -18.46 -9.74 0.97
CA ARG A 73 -19.05 -8.58 1.63
C ARG A 73 -19.65 -7.65 0.60
N ALA A 74 -20.79 -7.07 0.96
CA ALA A 74 -21.55 -6.26 0.02
C ALA A 74 -20.60 -5.17 -0.46
N SER A 75 -19.63 -4.83 0.40
CA SER A 75 -18.62 -3.83 0.11
C SER A 75 -17.87 -4.10 -1.22
N ASP A 76 -17.61 -5.36 -1.48
CA ASP A 76 -16.84 -5.76 -2.64
C ASP A 76 -17.57 -5.50 -3.95
N PHE A 77 -18.90 -5.41 -3.90
CA PHE A 77 -19.68 -5.27 -5.13
C PHE A 77 -19.33 -4.04 -5.95
N LYS A 78 -18.82 -3.02 -5.28
CA LYS A 78 -18.39 -1.80 -5.93
C LYS A 78 -17.39 -2.18 -7.03
N TYR A 79 -16.53 -3.13 -6.68
CA TYR A 79 -15.45 -3.57 -7.55
C TYR A 79 -15.89 -4.71 -8.47
N ILE A 80 -16.75 -5.59 -7.96
CA ILE A 80 -17.26 -6.68 -8.77
C ILE A 80 -18.02 -6.09 -9.96
N ASP A 81 -18.68 -4.95 -9.73
CA ASP A 81 -19.41 -4.27 -10.79
C ASP A 81 -18.53 -3.83 -11.98
N THR A 82 -17.21 -3.79 -11.79
CA THR A 82 -16.33 -3.37 -12.88
C THR A 82 -15.85 -4.54 -13.75
N ILE A 83 -16.26 -5.76 -13.40
CA ILE A 83 -15.90 -6.92 -14.22
C ILE A 83 -16.60 -6.82 -15.56
N ASP A 84 -15.84 -6.84 -16.64
CA ASP A 84 -16.45 -6.77 -17.96
C ASP A 84 -16.06 -7.95 -18.84
N LYS A 85 -15.48 -8.99 -18.25
CA LYS A 85 -15.10 -10.18 -19.04
C LYS A 85 -14.73 -11.37 -18.18
N ILE A 86 -15.28 -12.52 -18.50
CA ILE A 86 -15.00 -13.74 -17.80
C ILE A 86 -14.85 -14.86 -18.79
N LYS A 87 -13.82 -15.66 -18.64
CA LYS A 87 -13.65 -16.79 -19.52
C LYS A 87 -13.17 -18.00 -18.77
N VAL A 88 -13.86 -19.11 -18.96
CA VAL A 88 -13.46 -20.38 -18.37
C VAL A 88 -12.91 -21.26 -19.45
N GLU A 89 -11.81 -21.96 -19.18
CA GLU A 89 -11.36 -22.99 -20.10
C GLU A 89 -11.04 -24.25 -19.35
N TRP A 90 -11.37 -25.36 -19.98
CA TRP A 90 -11.11 -26.64 -19.35
C TRP A 90 -9.78 -27.23 -19.78
N LEU A 91 -8.96 -27.47 -18.78
CA LEU A 91 -7.61 -27.95 -18.99
C LEU A 91 -7.51 -29.35 -19.59
N ALA A 92 -8.54 -30.18 -19.37
CA ALA A 92 -8.53 -31.56 -19.85
C ALA A 92 -8.51 -31.59 -21.40
N LEU A 93 -8.83 -30.46 -22.02
CA LEU A 93 -8.82 -30.34 -23.48
C LEU A 93 -7.42 -30.22 -24.03
N GLU A 94 -6.50 -29.77 -23.17
CA GLU A 94 -5.11 -29.57 -23.56
C GLU A 94 -4.24 -30.80 -23.30
N SER A 95 -4.59 -31.55 -22.26
CA SER A 95 -3.85 -32.75 -21.91
C SER A 95 -4.69 -33.72 -21.12
N GLU A 96 -4.48 -34.99 -21.38
CA GLU A 96 -5.24 -36.03 -20.71
C GLU A 96 -4.77 -36.30 -19.30
N MET A 97 -3.73 -35.60 -18.88
CA MET A 97 -3.18 -35.79 -17.54
C MET A 97 -4.01 -34.98 -16.56
N TYR A 98 -4.83 -34.09 -17.12
CA TYR A 98 -5.69 -33.24 -16.30
C TYR A 98 -7.04 -33.91 -16.09
N ASP A 99 -7.59 -33.77 -14.88
CA ASP A 99 -8.92 -34.26 -14.61
C ASP A 99 -9.92 -33.38 -15.36
N THR A 100 -11.03 -34.01 -15.74
CA THR A 100 -12.09 -33.36 -16.51
C THR A 100 -12.61 -32.11 -15.83
N ARG A 101 -12.42 -32.02 -14.51
CA ARG A 101 -12.95 -30.91 -13.72
C ARG A 101 -11.98 -29.76 -13.60
N ASP A 102 -10.78 -29.90 -14.14
CA ASP A 102 -9.75 -28.87 -13.99
C ASP A 102 -10.01 -27.71 -14.96
N PHE A 103 -9.83 -26.48 -14.48
CA PHE A 103 -10.07 -25.35 -15.33
C PHE A 103 -9.36 -24.07 -14.91
N SER A 104 -9.30 -23.13 -15.84
CA SER A 104 -8.71 -21.84 -15.58
C SER A 104 -9.83 -20.84 -15.73
N ILE A 105 -9.76 -19.76 -14.99
CA ILE A 105 -10.77 -18.74 -15.07
C ILE A 105 -10.09 -17.39 -15.16
N THR A 106 -10.54 -16.57 -16.09
CA THR A 106 -9.89 -15.31 -16.37
C THR A 106 -10.86 -14.16 -16.23
N PHE A 107 -10.48 -13.18 -15.43
CA PHE A 107 -11.31 -12.00 -15.20
C PHE A 107 -10.67 -10.74 -15.77
N HIS A 108 -11.46 -9.82 -16.28
CA HIS A 108 -10.94 -8.50 -16.60
C HIS A 108 -11.78 -7.49 -15.84
N PHE A 109 -11.11 -6.55 -15.21
CA PHE A 109 -11.78 -5.47 -14.49
C PHE A 109 -11.52 -4.17 -15.19
N HIS A 110 -12.56 -3.35 -15.30
CA HIS A 110 -12.44 -2.02 -15.90
C HIS A 110 -11.70 -1.06 -14.96
N GLY A 111 -11.83 -1.31 -13.65
CA GLY A 111 -11.20 -0.45 -12.66
C GLY A 111 -11.97 0.79 -12.25
N ILE A 112 -11.44 1.52 -11.27
CA ILE A 112 -12.08 2.74 -10.80
C ILE A 112 -11.02 3.80 -10.55
N GLU A 113 -11.26 4.98 -11.10
CA GLU A 113 -10.39 6.14 -10.89
C GLU A 113 -9.97 6.30 -9.43
N GLY A 114 -8.65 6.37 -9.22
CA GLY A 114 -8.07 6.62 -7.91
C GLY A 114 -8.09 5.47 -6.93
N ASP A 115 -8.74 4.37 -7.28
CA ASP A 115 -8.95 3.28 -6.32
C ASP A 115 -8.50 1.90 -6.81
N PHE A 116 -8.89 1.57 -8.03
CA PHE A 116 -8.72 0.24 -8.54
C PHE A 116 -8.23 0.22 -9.97
N LYS A 117 -7.08 -0.41 -10.20
CA LYS A 117 -6.46 -0.47 -11.53
C LYS A 117 -7.19 -1.41 -12.50
N GLU A 118 -7.25 -1.02 -13.77
CA GLU A 118 -7.84 -1.85 -14.80
C GLU A 118 -6.88 -3.00 -14.97
N GLN A 119 -7.34 -4.25 -14.94
CA GLN A 119 -6.41 -5.37 -14.99
C GLN A 119 -7.10 -6.70 -15.29
N GLN A 120 -6.29 -7.68 -15.70
CA GLN A 120 -6.77 -8.99 -16.09
C GLN A 120 -6.07 -10.01 -15.24
N VAL A 121 -6.81 -10.94 -14.64
CA VAL A 121 -6.22 -11.95 -13.79
C VAL A 121 -6.80 -13.33 -14.09
N THR A 122 -5.94 -14.34 -14.00
CA THR A 122 -6.35 -15.72 -14.26
C THR A 122 -5.96 -16.64 -13.10
N LYS A 123 -6.89 -17.46 -12.64
CA LYS A 123 -6.59 -18.41 -11.60
C LYS A 123 -6.82 -19.81 -12.14
N VAL A 124 -6.08 -20.77 -11.60
CA VAL A 124 -6.19 -22.16 -12.04
C VAL A 124 -6.64 -23.10 -10.93
N PHE A 125 -7.57 -23.98 -11.25
CA PHE A 125 -8.02 -24.94 -10.28
C PHE A 125 -7.85 -26.33 -10.83
N GLN A 126 -7.25 -27.20 -10.00
CA GLN A 126 -7.01 -28.59 -10.37
C GLN A 126 -7.33 -29.53 -9.21
N ILE A 127 -7.78 -30.72 -9.55
CA ILE A 127 -8.06 -31.73 -8.52
C ILE A 127 -6.77 -32.38 -8.08
N LYS A 128 -6.71 -32.79 -6.81
CA LYS A 128 -5.61 -33.58 -6.30
C LYS A 128 -6.17 -34.61 -5.33
N LYS A 129 -5.47 -35.74 -5.25
CA LYS A 129 -5.90 -36.90 -4.48
C LYS A 129 -4.79 -37.29 -3.52
N GLY A 130 -5.13 -37.93 -2.41
CA GLY A 130 -4.12 -38.42 -1.47
C GLY A 130 -3.99 -39.93 -1.52
N LYS A 131 -4.81 -40.56 -2.36
CA LYS A 131 -4.95 -42.02 -2.44
C LYS A 131 -5.67 -42.66 -1.25
N ASP A 132 -5.92 -43.96 -1.38
CA ASP A 132 -6.51 -44.79 -0.34
C ASP A 132 -7.99 -44.51 -0.11
N ASP A 133 -8.30 -43.59 0.80
CA ASP A 133 -9.69 -43.21 1.09
C ASP A 133 -10.40 -42.88 -0.22
N GLN A 134 -11.66 -43.28 -0.31
CA GLN A 134 -12.39 -43.20 -1.58
C GLN A 134 -12.14 -41.85 -2.27
N GLU A 135 -11.87 -40.82 -1.46
CA GLU A 135 -11.55 -39.47 -1.92
C GLU A 135 -11.56 -39.25 -3.42
N ASP A 136 -12.58 -38.55 -3.89
CA ASP A 136 -12.63 -38.19 -5.29
C ASP A 136 -11.52 -37.18 -5.51
N GLY A 137 -10.92 -36.74 -4.41
CA GLY A 137 -9.86 -35.77 -4.46
C GLY A 137 -10.44 -34.44 -4.07
N ILE A 138 -9.58 -33.43 -3.88
CA ILE A 138 -10.04 -32.09 -3.51
C ILE A 138 -9.55 -31.07 -4.53
N LEU A 139 -10.32 -29.99 -4.72
CA LEU A 139 -9.88 -28.89 -5.58
C LEU A 139 -8.76 -28.15 -4.90
N THR A 140 -7.82 -27.68 -5.71
CA THR A 140 -6.72 -26.91 -5.21
C THR A 140 -6.48 -25.80 -6.17
N SER A 141 -5.79 -24.76 -5.68
CA SER A 141 -5.38 -23.68 -6.55
C SER A 141 -4.09 -23.06 -6.06
N GLU A 142 -3.54 -22.18 -6.89
CA GLU A 142 -2.31 -21.47 -6.59
C GLU A 142 -2.66 -20.02 -6.37
N PRO A 143 -1.99 -19.34 -5.43
CA PRO A 143 -2.31 -17.94 -5.22
C PRO A 143 -1.88 -17.16 -6.45
N VAL A 144 -2.61 -16.09 -6.78
CA VAL A 144 -2.22 -15.29 -7.92
C VAL A 144 -2.29 -13.83 -7.53
N PRO A 145 -1.26 -13.06 -7.92
CA PRO A 145 -1.18 -11.65 -7.52
C PRO A 145 -2.22 -10.73 -8.14
N ILE A 146 -2.70 -9.79 -7.34
CA ILE A 146 -3.70 -8.85 -7.78
C ILE A 146 -3.42 -7.53 -7.07
N GLU A 147 -3.65 -6.42 -7.74
CA GLU A 147 -3.45 -5.14 -7.07
C GLU A 147 -4.75 -4.75 -6.41
N TRP A 148 -4.69 -4.69 -5.08
CA TRP A 148 -5.88 -4.45 -4.26
C TRP A 148 -6.35 -3.00 -4.39
N PRO A 149 -7.64 -2.74 -4.11
CA PRO A 149 -8.15 -1.37 -4.18
C PRO A 149 -7.52 -0.53 -3.08
N GLN A 150 -7.30 0.73 -3.39
CA GLN A 150 -6.66 1.63 -2.44
C GLN A 150 -7.39 1.62 -1.10
N SER A 151 -8.71 1.63 -1.17
CA SER A 151 -9.53 1.68 0.04
C SER A 151 -9.36 0.45 0.93
N TYR A 152 -8.81 -0.63 0.37
CA TYR A 152 -8.67 -1.87 1.14
C TYR A 152 -7.31 -1.95 1.83
N ASP A 153 -6.58 -0.85 1.78
CA ASP A 153 -5.24 -0.79 2.38
C ASP A 153 -5.20 -1.26 3.83
N SER A 154 -6.20 -0.92 4.63
CA SER A 154 -6.19 -1.29 6.04
C SER A 154 -6.39 -2.79 6.33
N ILE A 155 -6.95 -3.53 5.38
CA ILE A 155 -7.14 -4.98 5.60
C ILE A 155 -6.33 -5.77 4.57
N ASN A 156 -5.40 -5.09 3.90
CA ASN A 156 -4.51 -5.73 2.96
C ASN A 156 -3.45 -6.51 3.74
N PRO A 157 -3.38 -7.83 3.55
CA PRO A 157 -2.35 -8.64 4.23
C PRO A 157 -0.92 -8.24 3.92
N ASP A 158 -0.68 -7.59 2.78
CA ASP A 158 0.64 -7.12 2.41
C ASP A 158 1.06 -5.80 3.06
N LEU A 159 0.11 -5.09 3.65
CA LEU A 159 0.42 -3.81 4.29
C LEU A 159 0.36 -3.88 5.81
N ILE A 160 -0.44 -4.78 6.35
CA ILE A 160 -0.48 -5.01 7.79
C ILE A 160 0.89 -5.56 8.23
N LYS A 161 1.56 -4.84 9.12
CA LYS A 161 2.86 -5.27 9.61
C LYS A 161 2.74 -6.33 10.70
N ASP A 162 1.88 -6.07 11.69
CA ASP A 162 1.75 -6.97 12.84
C ASP A 162 0.89 -8.20 12.56
N LYS A 163 -0.41 -8.03 12.31
CA LYS A 163 -1.31 -9.16 12.05
C LYS A 163 -1.22 -10.27 13.10
N ARG A 164 -0.63 -9.94 14.24
CA ARG A 164 -0.41 -10.91 15.32
C ARG A 164 -0.96 -10.27 16.60
N SER A 165 -1.08 -8.94 16.58
CA SER A 165 -1.73 -8.21 17.65
C SER A 165 -3.23 -8.46 17.55
N PRO A 166 -3.99 -8.19 18.63
CA PRO A 166 -5.46 -8.29 18.51
C PRO A 166 -6.03 -7.50 17.33
N GLU A 167 -5.61 -6.25 17.13
CA GLU A 167 -6.08 -5.45 16.00
C GLU A 167 -5.56 -5.95 14.65
N GLY A 168 -4.27 -6.29 14.61
CA GLY A 168 -3.66 -6.77 13.37
C GLY A 168 -4.26 -8.09 12.91
N LYS A 169 -4.53 -8.97 13.87
CA LYS A 169 -5.13 -10.28 13.58
C LYS A 169 -6.52 -10.09 13.00
N LYS A 170 -7.24 -9.14 13.57
CA LYS A 170 -8.60 -8.86 13.14
C LYS A 170 -8.60 -8.27 11.74
N LYS A 171 -7.73 -7.29 11.49
CA LYS A 171 -7.62 -6.69 10.17
C LYS A 171 -7.24 -7.75 9.14
N TYR A 172 -6.29 -8.59 9.51
CA TYR A 172 -5.84 -9.66 8.61
C TYR A 172 -6.99 -10.58 8.21
N ARG A 173 -7.75 -11.05 9.20
CA ARG A 173 -8.86 -11.96 8.91
C ARG A 173 -9.92 -11.29 8.06
N GLN A 174 -10.13 -9.99 8.26
CA GLN A 174 -11.14 -9.29 7.48
C GLN A 174 -10.77 -9.27 6.00
N GLY A 175 -9.49 -9.02 5.73
CA GLY A 175 -9.01 -8.99 4.34
C GLY A 175 -9.11 -10.34 3.65
N MET A 176 -8.77 -11.41 4.37
CA MET A 176 -8.83 -12.75 3.79
C MET A 176 -10.26 -13.19 3.52
N LYS A 177 -11.24 -12.48 4.07
CA LYS A 177 -12.63 -12.81 3.82
C LYS A 177 -13.21 -12.02 2.65
N THR A 178 -12.40 -11.15 2.06
CA THR A 178 -12.83 -10.41 0.88
C THR A 178 -12.60 -11.23 -0.37
N ILE A 179 -13.19 -10.80 -1.48
CA ILE A 179 -12.99 -11.48 -2.75
C ILE A 179 -11.52 -11.54 -3.12
N PHE A 180 -10.78 -10.52 -2.69
CA PHE A 180 -9.37 -10.48 -3.02
C PHE A 180 -8.62 -11.55 -2.25
N GLY A 181 -9.10 -11.88 -1.05
CA GLY A 181 -8.48 -12.95 -0.28
C GLY A 181 -8.69 -14.29 -0.98
N TRP A 182 -9.82 -14.41 -1.65
CA TRP A 182 -10.13 -15.62 -2.41
C TRP A 182 -9.07 -15.89 -3.47
N PHE A 183 -8.46 -14.85 -3.99
CA PHE A 183 -7.46 -15.05 -5.03
C PHE A 183 -6.18 -15.71 -4.54
N ARG A 184 -5.95 -15.74 -3.23
CA ARG A 184 -4.79 -16.46 -2.74
C ARG A 184 -5.21 -17.77 -2.07
N TRP A 185 -6.47 -18.14 -2.27
CA TRP A 185 -6.96 -19.43 -1.82
C TRP A 185 -6.21 -20.55 -2.52
N THR A 186 -6.00 -21.66 -1.83
CA THR A 186 -5.32 -22.81 -2.39
C THR A 186 -6.03 -24.11 -2.02
N GLY A 187 -6.74 -24.09 -0.88
CA GLY A 187 -7.41 -25.27 -0.38
C GLY A 187 -6.48 -26.17 0.40
N LEU A 188 -5.26 -25.69 0.65
CA LEU A 188 -4.26 -26.50 1.35
C LEU A 188 -4.07 -26.16 2.82
N LYS A 189 -4.77 -25.13 3.29
CA LYS A 189 -4.72 -24.74 4.71
C LYS A 189 -6.13 -24.55 5.25
N PRO A 190 -6.91 -25.65 5.33
CA PRO A 190 -8.31 -25.61 5.77
C PRO A 190 -8.58 -24.71 6.96
N GLY A 191 -9.58 -23.83 6.83
CA GLY A 191 -9.97 -22.93 7.91
C GLY A 191 -9.12 -21.68 8.03
N LYS A 192 -8.04 -21.60 7.27
CA LYS A 192 -7.07 -20.51 7.34
C LYS A 192 -7.10 -19.55 6.15
N GLU A 193 -7.90 -19.89 5.15
CA GLU A 193 -8.04 -19.10 3.93
C GLU A 193 -9.50 -18.70 3.67
N PHE A 194 -9.72 -17.97 2.59
CA PHE A 194 -11.04 -17.51 2.24
C PHE A 194 -12.01 -18.70 2.34
N PRO A 195 -13.06 -18.56 3.15
CA PRO A 195 -13.99 -19.67 3.39
C PRO A 195 -14.70 -20.17 2.14
N HIS A 196 -14.68 -21.49 1.97
CA HIS A 196 -15.42 -22.12 0.88
C HIS A 196 -14.96 -21.65 -0.50
N GLY A 197 -13.66 -21.40 -0.66
CA GLY A 197 -13.13 -21.01 -1.96
C GLY A 197 -13.45 -22.05 -3.03
N ASP A 198 -13.53 -23.31 -2.60
CA ASP A 198 -13.80 -24.42 -3.49
C ASP A 198 -15.22 -24.39 -4.04
N SER A 199 -16.19 -24.12 -3.17
CA SER A 199 -17.58 -24.08 -3.60
C SER A 199 -17.80 -22.88 -4.51
N LEU A 200 -17.08 -21.80 -4.25
CA LEU A 200 -17.20 -20.62 -5.10
C LEU A 200 -16.71 -20.95 -6.49
N ALA A 201 -15.56 -21.59 -6.57
CA ALA A 201 -15.02 -21.95 -7.86
C ALA A 201 -16.00 -22.84 -8.65
N SER A 202 -16.65 -23.77 -7.97
CA SER A 202 -17.63 -24.64 -8.61
C SER A 202 -18.84 -23.81 -9.08
N LEU A 203 -19.19 -22.77 -8.33
CA LEU A 203 -20.31 -21.92 -8.75
C LEU A 203 -20.03 -21.40 -10.14
N PHE A 204 -18.78 -21.04 -10.38
CA PHE A 204 -18.43 -20.48 -11.68
C PHE A 204 -18.44 -21.48 -12.80
N SER A 205 -17.76 -22.60 -12.61
CA SER A 205 -17.65 -23.61 -13.67
C SER A 205 -18.94 -24.38 -13.94
N GLU A 206 -19.76 -24.55 -12.91
CA GLU A 206 -20.95 -25.37 -13.05
C GLU A 206 -22.24 -24.56 -13.19
N GLU A 207 -22.26 -23.32 -12.72
CA GLU A 207 -23.49 -22.53 -12.80
C GLU A 207 -23.38 -21.18 -13.55
N ILE A 208 -22.52 -20.31 -13.03
CA ILE A 208 -22.45 -18.95 -13.55
C ILE A 208 -22.00 -18.88 -15.00
N TYR A 209 -20.91 -19.53 -15.36
CA TYR A 209 -20.48 -19.41 -16.74
C TYR A 209 -21.41 -20.10 -17.74
N PRO A 210 -21.84 -21.33 -17.45
CA PRO A 210 -22.72 -22.01 -18.41
C PRO A 210 -24.12 -21.38 -18.55
N PHE A 211 -24.70 -20.93 -17.45
CA PHE A 211 -26.07 -20.43 -17.50
C PHE A 211 -26.23 -18.91 -17.33
N CYS A 212 -25.15 -18.17 -17.48
CA CYS A 212 -25.20 -16.72 -17.33
C CYS A 212 -26.34 -16.08 -18.13
N VAL A 213 -26.55 -16.53 -19.36
CA VAL A 213 -27.57 -15.95 -20.21
C VAL A 213 -28.97 -16.12 -19.62
N LYS A 214 -29.22 -17.28 -19.01
CA LYS A 214 -30.52 -17.53 -18.39
C LYS A 214 -30.69 -16.59 -17.21
N TYR A 215 -29.60 -16.36 -16.47
CA TYR A 215 -29.65 -15.44 -15.32
C TYR A 215 -29.92 -14.01 -15.79
N TYR A 216 -29.22 -13.60 -16.85
CA TYR A 216 -29.41 -12.27 -17.42
C TYR A 216 -30.85 -12.03 -17.86
N ALA A 217 -31.41 -13.00 -18.56
CA ALA A 217 -32.79 -12.88 -19.05
C ALA A 217 -33.75 -12.71 -17.88
N GLU A 218 -33.56 -13.55 -16.87
CA GLU A 218 -34.39 -13.52 -15.67
C GLU A 218 -34.31 -12.12 -15.02
N ALA A 219 -33.12 -11.55 -15.00
CA ALA A 219 -32.89 -10.23 -14.41
C ALA A 219 -33.55 -9.15 -15.24
N GLN A 220 -33.49 -9.26 -16.55
CA GLN A 220 -34.13 -8.25 -17.41
C GLN A 220 -35.63 -8.39 -17.39
N ARG A 221 -36.10 -9.59 -17.10
CA ARG A 221 -37.53 -9.88 -16.97
C ARG A 221 -38.11 -9.19 -15.74
N ASP A 222 -37.31 -9.08 -14.69
CA ASP A 222 -37.78 -8.50 -13.43
C ASP A 222 -37.74 -6.97 -13.42
N LEU A 223 -36.87 -6.41 -14.27
CA LEU A 223 -36.58 -4.96 -14.32
C LEU A 223 -37.75 -4.04 -14.63
N GLU A 224 -38.75 -4.52 -15.36
CA GLU A 224 -39.95 -3.72 -15.68
C GLU A 224 -41.08 -3.81 -14.66
N ASP A 225 -40.80 -4.33 -13.46
CA ASP A 225 -41.78 -4.50 -12.39
C ASP A 225 -42.75 -5.64 -12.73
N GLU B 6 2.38 -76.28 5.27
CA GLU B 6 1.86 -74.89 5.43
C GLU B 6 2.80 -73.90 4.78
N ASN B 7 3.37 -74.29 3.64
CA ASN B 7 4.34 -73.47 2.91
C ASN B 7 3.67 -72.26 2.27
N GLU B 8 2.62 -72.54 1.50
CA GLU B 8 1.93 -71.47 0.81
C GLU B 8 1.31 -70.53 1.82
N ASN B 9 1.12 -71.01 3.04
CA ASN B 9 0.64 -70.20 4.16
C ASN B 9 1.78 -69.30 4.61
N GLU B 10 2.96 -69.93 4.68
CA GLU B 10 4.17 -69.22 5.13
C GLU B 10 4.50 -68.12 4.13
N HIS B 11 4.39 -68.49 2.86
CA HIS B 11 4.68 -67.57 1.76
C HIS B 11 3.69 -66.43 1.77
N ALA B 12 2.43 -66.74 2.03
CA ALA B 12 1.38 -65.73 2.09
C ALA B 12 1.67 -64.75 3.20
N LYS B 13 1.97 -65.29 4.38
CA LYS B 13 2.30 -64.47 5.53
C LYS B 13 3.45 -63.54 5.19
N ALA B 14 4.47 -64.14 4.57
CA ALA B 14 5.67 -63.42 4.22
C ALA B 14 5.38 -62.30 3.24
N PHE B 15 4.64 -62.61 2.17
CA PHE B 15 4.32 -61.63 1.13
C PHE B 15 3.55 -60.47 1.73
N LEU B 16 2.60 -60.76 2.62
CA LEU B 16 1.81 -59.70 3.23
C LEU B 16 2.74 -58.83 4.05
N GLY B 17 3.62 -59.50 4.79
CA GLY B 17 4.52 -58.77 5.65
C GLY B 17 5.47 -57.87 4.87
N LEU B 18 5.98 -58.40 3.77
CA LEU B 18 6.95 -57.67 2.94
C LEU B 18 6.29 -56.50 2.27
N ALA B 19 5.06 -56.68 1.80
CA ALA B 19 4.36 -55.62 1.11
C ALA B 19 4.21 -54.45 2.05
N LYS B 20 3.88 -54.74 3.31
CA LYS B 20 3.70 -53.66 4.29
C LYS B 20 5.03 -52.97 4.57
N CYS B 21 6.11 -53.74 4.63
CA CYS B 21 7.42 -53.17 4.91
C CYS B 21 7.87 -52.22 3.81
N GLU B 22 7.60 -52.58 2.57
CA GLU B 22 7.95 -51.71 1.44
C GLU B 22 7.24 -50.38 1.57
N GLU B 23 5.97 -50.46 1.96
CA GLU B 23 5.17 -49.27 2.11
C GLU B 23 5.80 -48.36 3.16
N GLU B 24 6.28 -48.97 4.25
CA GLU B 24 6.93 -48.24 5.32
C GLU B 24 8.21 -47.60 4.83
N VAL B 25 8.93 -48.30 3.96
CA VAL B 25 10.16 -47.80 3.39
C VAL B 25 9.86 -46.54 2.58
N ASP B 26 8.80 -46.63 1.77
CA ASP B 26 8.45 -45.49 0.93
C ASP B 26 8.10 -44.28 1.79
N ALA B 27 7.39 -44.52 2.89
CA ALA B 27 7.02 -43.45 3.80
C ALA B 27 8.26 -42.84 4.42
N ILE B 28 9.20 -43.69 4.80
CA ILE B 28 10.44 -43.22 5.39
C ILE B 28 11.23 -42.36 4.43
N GLU B 29 11.33 -42.78 3.16
CA GLU B 29 12.07 -41.98 2.20
C GLU B 29 11.49 -40.54 2.09
N ARG B 30 10.17 -40.45 2.10
CA ARG B 30 9.56 -39.15 2.04
C ARG B 30 9.88 -38.33 3.30
N GLU B 31 9.74 -38.94 4.46
CA GLU B 31 10.05 -38.26 5.71
C GLU B 31 11.48 -37.76 5.73
N VAL B 32 12.40 -38.57 5.21
CA VAL B 32 13.82 -38.20 5.12
C VAL B 32 14.02 -37.01 4.21
N GLU B 33 13.33 -37.01 3.08
CA GLU B 33 13.47 -35.92 2.14
C GLU B 33 12.95 -34.59 2.72
N LEU B 34 11.82 -34.66 3.43
CA LEU B 34 11.24 -33.48 4.06
C LEU B 34 12.17 -32.91 5.11
N TYR B 35 12.82 -33.79 5.85
CA TYR B 35 13.80 -33.42 6.87
C TYR B 35 14.95 -32.67 6.21
N ARG B 36 15.48 -33.24 5.13
CA ARG B 36 16.58 -32.60 4.41
C ARG B 36 16.18 -31.21 3.94
N LEU B 37 15.01 -31.14 3.30
CA LEU B 37 14.59 -29.86 2.74
C LEU B 37 14.35 -28.79 3.80
N ASN B 38 13.80 -29.20 4.94
CA ASN B 38 13.55 -28.28 6.06
C ASN B 38 14.84 -27.72 6.64
N LYS B 39 15.80 -28.60 6.84
CA LYS B 39 17.08 -28.20 7.43
C LYS B 39 17.88 -27.32 6.46
N MET B 40 17.74 -27.59 5.16
CA MET B 40 18.48 -26.83 4.15
C MET B 40 17.91 -25.42 3.88
N LYS B 41 16.59 -25.32 3.97
CA LYS B 41 15.91 -24.04 3.74
C LYS B 41 16.61 -22.84 4.39
N PRO B 42 16.87 -22.91 5.71
CA PRO B 42 17.46 -21.79 6.43
C PRO B 42 18.88 -21.49 5.96
N VAL B 43 19.62 -22.52 5.58
CA VAL B 43 20.97 -22.30 5.10
C VAL B 43 20.95 -21.67 3.72
N TYR B 44 20.02 -22.08 2.88
CA TYR B 44 19.92 -21.46 1.57
C TYR B 44 19.60 -19.95 1.71
N GLU B 45 18.77 -19.60 2.67
CA GLU B 45 18.40 -18.20 2.85
C GLU B 45 19.60 -17.37 3.26
N LYS B 46 20.40 -17.92 4.16
CA LYS B 46 21.61 -17.26 4.63
C LYS B 46 22.58 -17.10 3.48
N ARG B 47 22.82 -18.19 2.77
CA ARG B 47 23.71 -18.20 1.61
C ARG B 47 23.32 -17.19 0.55
N ASP B 48 22.02 -17.19 0.24
CA ASP B 48 21.48 -16.28 -0.78
C ASP B 48 21.75 -14.82 -0.42
N ALA B 49 21.71 -14.53 0.88
CA ALA B 49 21.94 -13.18 1.37
C ALA B 49 23.35 -12.73 1.04
N TYR B 50 24.28 -13.66 1.15
CA TYR B 50 25.69 -13.36 0.87
C TYR B 50 25.87 -13.23 -0.65
N ILE B 51 25.15 -14.05 -1.39
CA ILE B 51 25.20 -14.03 -2.86
C ILE B 51 24.80 -12.67 -3.42
N ASP B 52 23.81 -12.05 -2.76
CA ASP B 52 23.32 -10.73 -3.18
C ASP B 52 24.37 -9.64 -3.13
N GLU B 53 25.45 -9.90 -2.39
CA GLU B 53 26.52 -8.91 -2.22
C GLU B 53 27.58 -9.01 -3.32
N ILE B 54 27.44 -10.01 -4.19
CA ILE B 54 28.36 -10.16 -5.30
C ILE B 54 27.61 -9.93 -6.61
N ALA B 55 27.66 -8.69 -7.04
CA ALA B 55 26.86 -8.20 -8.17
C ALA B 55 26.86 -9.06 -9.44
N GLU B 56 28.03 -9.54 -9.87
CA GLU B 56 28.11 -10.27 -11.13
C GLU B 56 28.06 -11.80 -10.98
N PHE B 57 27.65 -12.26 -9.82
CA PHE B 57 27.66 -13.69 -9.50
C PHE B 57 27.00 -14.59 -10.55
N TRP B 58 25.71 -14.37 -10.74
CA TRP B 58 24.94 -15.23 -11.62
C TRP B 58 25.39 -15.14 -13.06
N LYS B 59 25.73 -13.93 -13.52
CA LYS B 59 26.21 -13.77 -14.87
C LYS B 59 27.40 -14.71 -15.11
N ILE B 60 28.33 -14.70 -14.16
CA ILE B 60 29.55 -15.51 -14.28
C ILE B 60 29.27 -17.01 -14.23
N VAL B 61 28.43 -17.39 -13.26
CA VAL B 61 28.09 -18.80 -13.07
C VAL B 61 27.41 -19.39 -14.31
N LEU B 62 26.42 -18.67 -14.82
CA LEU B 62 25.67 -19.14 -15.97
C LEU B 62 26.50 -19.27 -17.24
N SER B 63 27.49 -18.40 -17.39
CA SER B 63 28.35 -18.48 -18.56
C SER B 63 29.37 -19.59 -18.36
N GLN B 64 29.61 -19.94 -17.09
CA GLN B 64 30.58 -20.98 -16.75
C GLN B 64 30.05 -22.40 -16.93
N HIS B 65 28.78 -22.62 -16.63
CA HIS B 65 28.25 -23.98 -16.69
C HIS B 65 28.49 -24.57 -18.08
N VAL B 66 28.81 -25.86 -18.07
CA VAL B 66 29.23 -26.63 -19.24
C VAL B 66 28.18 -26.84 -20.33
N SER B 67 26.96 -27.12 -19.90
CA SER B 67 25.92 -27.63 -20.79
C SER B 67 24.68 -26.72 -20.92
N PHE B 68 24.51 -25.85 -19.93
CA PHE B 68 23.52 -24.81 -19.99
C PHE B 68 23.51 -24.14 -21.37
N ALA B 69 24.68 -23.77 -21.86
CA ALA B 69 24.80 -23.08 -23.15
C ALA B 69 24.22 -23.86 -24.32
N ASN B 70 24.19 -25.18 -24.21
CA ASN B 70 23.65 -26.03 -25.28
C ASN B 70 22.16 -25.86 -25.51
N TYR B 71 21.46 -25.31 -24.51
CA TYR B 71 20.00 -25.20 -24.54
C TYR B 71 19.46 -23.93 -25.22
N ILE B 72 20.27 -22.89 -25.35
CA ILE B 72 19.75 -21.60 -25.76
C ILE B 72 20.65 -20.85 -26.75
N ARG B 73 20.05 -20.07 -27.64
CA ARG B 73 20.82 -19.39 -28.67
C ARG B 73 21.76 -18.39 -28.00
N ALA B 74 22.97 -18.30 -28.55
CA ALA B 74 24.00 -17.48 -27.95
C ALA B 74 23.45 -16.09 -27.84
N SER B 75 22.54 -15.76 -28.75
CA SER B 75 21.88 -14.46 -28.80
C SER B 75 21.21 -14.08 -27.46
N ASP B 76 20.64 -15.06 -26.79
CA ASP B 76 19.94 -14.83 -25.53
C ASP B 76 20.86 -14.40 -24.39
N PHE B 77 22.14 -14.72 -24.49
CA PHE B 77 23.07 -14.44 -23.39
C PHE B 77 23.17 -12.97 -23.01
N LYS B 78 22.89 -12.12 -23.99
CA LYS B 78 22.88 -10.69 -23.77
C LYS B 78 21.95 -10.39 -22.59
N TYR B 79 20.83 -11.10 -22.61
CA TYR B 79 19.77 -10.90 -21.61
C TYR B 79 19.96 -11.78 -20.37
N ILE B 80 20.48 -12.98 -20.57
CA ILE B 80 20.78 -13.86 -19.45
C ILE B 80 21.80 -13.19 -18.53
N ASP B 81 22.70 -12.43 -19.14
CA ASP B 81 23.71 -11.70 -18.37
C ASP B 81 23.13 -10.66 -17.39
N THR B 82 21.87 -10.29 -17.58
CA THR B 82 21.24 -9.32 -16.68
C THR B 82 20.56 -9.95 -15.45
N ILE B 83 20.58 -11.27 -15.38
CA ILE B 83 20.01 -11.94 -14.21
C ILE B 83 20.85 -11.63 -13.01
N ASP B 84 20.24 -11.08 -11.97
CA ASP B 84 21.00 -10.79 -10.76
C ASP B 84 20.41 -11.44 -9.53
N LYS B 85 19.50 -12.41 -9.71
CA LYS B 85 18.91 -13.10 -8.56
C LYS B 85 18.13 -14.35 -8.96
N ILE B 86 18.38 -15.45 -8.26
CA ILE B 86 17.68 -16.68 -8.51
C ILE B 86 17.33 -17.31 -7.19
N LYS B 87 16.09 -17.77 -7.05
CA LYS B 87 15.71 -18.45 -5.84
C LYS B 87 14.82 -19.64 -6.13
N VAL B 88 15.18 -20.80 -5.57
CA VAL B 88 14.37 -22.01 -5.72
C VAL B 88 13.70 -22.30 -4.39
N GLU B 89 12.44 -22.71 -4.41
CA GLU B 89 11.76 -23.11 -3.21
C GLU B 89 10.98 -24.38 -3.45
N TRP B 90 11.04 -25.29 -2.50
CA TRP B 90 10.38 -26.58 -2.67
C TRP B 90 8.97 -26.59 -2.09
N LEU B 91 8.02 -26.88 -2.96
CA LEU B 91 6.60 -26.84 -2.62
C LEU B 91 6.16 -27.86 -1.58
N ALA B 92 6.88 -28.97 -1.47
CA ALA B 92 6.50 -30.04 -0.54
C ALA B 92 6.61 -29.55 0.92
N LEU B 93 7.31 -28.43 1.12
CA LEU B 93 7.45 -27.85 2.45
C LEU B 93 6.18 -27.16 2.91
N GLU B 94 5.37 -26.76 1.93
CA GLU B 94 4.13 -26.02 2.21
C GLU B 94 2.94 -26.95 2.37
N SER B 95 2.97 -28.06 1.65
CA SER B 95 1.86 -29.01 1.71
C SER B 95 2.34 -30.40 1.32
N GLU B 96 1.80 -31.39 2.02
CA GLU B 96 2.19 -32.78 1.77
C GLU B 96 1.51 -33.34 0.51
N MET B 97 0.70 -32.54 -0.15
CA MET B 97 0.03 -33.00 -1.36
C MET B 97 0.94 -32.79 -2.55
N TYR B 98 2.03 -32.09 -2.31
CA TYR B 98 3.02 -31.87 -3.37
C TYR B 98 4.09 -32.95 -3.30
N ASP B 99 4.56 -33.39 -4.46
CA ASP B 99 5.67 -34.32 -4.51
C ASP B 99 6.94 -33.59 -4.09
N THR B 100 7.83 -34.35 -3.46
CA THR B 100 9.09 -33.84 -2.95
C THR B 100 9.91 -33.10 -4.00
N ARG B 101 9.66 -33.42 -5.27
CA ARG B 101 10.42 -32.87 -6.38
C ARG B 101 9.84 -31.58 -6.94
N ASP B 102 8.68 -31.17 -6.43
CA ASP B 102 8.00 -29.98 -6.95
C ASP B 102 8.66 -28.70 -6.45
N PHE B 103 8.81 -27.72 -7.33
CA PHE B 103 9.43 -26.48 -6.90
C PHE B 103 9.08 -25.26 -7.74
N SER B 104 9.38 -24.10 -7.19
CA SER B 104 9.15 -22.85 -7.86
C SER B 104 10.52 -22.24 -8.06
N ILE B 105 10.69 -21.49 -9.13
CA ILE B 105 11.94 -20.84 -9.37
C ILE B 105 11.67 -19.40 -9.74
N THR B 106 12.43 -18.50 -9.15
CA THR B 106 12.19 -17.07 -9.30
C THR B 106 13.42 -16.38 -9.83
N PHE B 107 13.24 -15.64 -10.91
CA PHE B 107 14.34 -14.88 -11.52
C PHE B 107 14.13 -13.38 -11.42
N HIS B 108 15.19 -12.62 -11.25
CA HIS B 108 15.09 -11.17 -11.38
C HIS B 108 16.08 -10.76 -12.45
N PHE B 109 15.63 -9.90 -13.35
CA PHE B 109 16.49 -9.37 -14.41
C PHE B 109 16.66 -7.90 -14.19
N HIS B 110 17.89 -7.43 -14.36
CA HIS B 110 18.23 -6.01 -14.24
C HIS B 110 17.67 -5.23 -15.43
N GLY B 111 17.59 -5.90 -16.58
CA GLY B 111 17.09 -5.25 -17.80
C GLY B 111 18.13 -4.50 -18.62
N ILE B 112 17.71 -4.01 -19.79
CA ILE B 112 18.59 -3.23 -20.67
C ILE B 112 17.82 -2.04 -21.23
N GLU B 113 18.39 -0.86 -21.08
CA GLU B 113 17.78 0.36 -21.58
C GLU B 113 17.26 0.22 -23.02
N GLY B 114 15.98 0.56 -23.21
CA GLY B 114 15.36 0.56 -24.51
C GLY B 114 15.00 -0.80 -25.11
N ASP B 115 15.39 -1.88 -24.44
CA ASP B 115 15.21 -3.21 -24.99
C ASP B 115 14.46 -4.17 -24.05
N PHE B 116 14.88 -4.21 -22.79
CA PHE B 116 14.43 -5.21 -21.87
C PHE B 116 14.13 -4.62 -20.50
N LYS B 117 12.88 -4.78 -20.06
CA LYS B 117 12.44 -4.23 -18.78
C LYS B 117 12.98 -4.99 -17.55
N GLU B 118 13.29 -4.25 -16.49
CA GLU B 118 13.75 -4.85 -15.24
C GLU B 118 12.53 -5.54 -14.67
N GLN B 119 12.64 -6.81 -14.29
CA GLN B 119 11.44 -7.53 -13.85
C GLN B 119 11.77 -8.83 -13.13
N GLN B 120 10.77 -9.35 -12.43
CA GLN B 120 10.91 -10.56 -11.64
C GLN B 120 9.86 -11.55 -12.10
N VAL B 121 10.26 -12.79 -12.38
CA VAL B 121 9.33 -13.79 -12.85
C VAL B 121 9.53 -15.12 -12.13
N THR B 122 8.42 -15.80 -11.86
CA THR B 122 8.47 -17.08 -11.14
C THR B 122 7.72 -18.16 -11.90
N LYS B 123 8.34 -19.33 -12.07
CA LYS B 123 7.68 -20.43 -12.72
C LYS B 123 7.56 -21.59 -11.76
N VAL B 124 6.54 -22.41 -11.95
CA VAL B 124 6.31 -23.57 -11.10
C VAL B 124 6.38 -24.89 -11.83
N PHE B 125 7.06 -25.85 -11.23
CA PHE B 125 7.14 -27.17 -11.82
C PHE B 125 6.64 -28.20 -10.83
N GLN B 126 5.76 -29.08 -11.32
CA GLN B 126 5.19 -30.14 -10.49
C GLN B 126 5.18 -31.46 -11.26
N ILE B 127 5.30 -32.56 -10.52
CA ILE B 127 5.18 -33.87 -11.11
C ILE B 127 3.70 -34.22 -11.32
N LYS B 128 3.42 -34.98 -12.36
CA LYS B 128 2.09 -35.50 -12.61
C LYS B 128 2.21 -36.92 -13.13
N LYS B 129 1.18 -37.71 -12.83
CA LYS B 129 1.17 -39.12 -13.07
C LYS B 129 -0.07 -39.47 -13.88
N GLY B 130 -0.03 -40.58 -14.62
CA GLY B 130 -1.19 -41.05 -15.37
C GLY B 130 -1.85 -42.24 -14.70
N LYS B 131 -1.21 -42.73 -13.64
CA LYS B 131 -1.59 -43.94 -12.90
C LYS B 131 -1.44 -45.26 -13.68
N ASP B 132 -1.69 -46.36 -12.98
CA ASP B 132 -1.48 -47.73 -13.45
C ASP B 132 0.01 -48.04 -13.61
N ASP B 133 0.57 -47.79 -14.79
CA ASP B 133 1.97 -48.07 -15.04
C ASP B 133 2.82 -47.43 -13.94
N GLN B 134 3.86 -48.14 -13.52
CA GLN B 134 4.64 -47.72 -12.37
C GLN B 134 4.95 -46.22 -12.45
N GLU B 135 5.02 -45.69 -13.68
CA GLU B 135 5.32 -44.28 -13.96
C GLU B 135 5.59 -43.42 -12.72
N ASP B 136 6.84 -43.01 -12.54
CA ASP B 136 7.09 -42.15 -11.37
C ASP B 136 6.49 -40.80 -11.71
N GLY B 137 5.97 -40.66 -12.92
CA GLY B 137 5.29 -39.43 -13.32
C GLY B 137 6.25 -38.53 -14.11
N ILE B 138 5.74 -37.44 -14.69
CA ILE B 138 6.56 -36.53 -15.50
C ILE B 138 6.46 -35.09 -15.00
N LEU B 139 7.48 -34.26 -15.23
CA LEU B 139 7.43 -32.85 -14.86
C LEU B 139 6.48 -32.08 -15.75
N THR B 140 5.78 -31.12 -15.16
CA THR B 140 4.87 -30.27 -15.92
C THR B 140 5.04 -28.87 -15.39
N SER B 141 4.62 -27.89 -16.18
CA SER B 141 4.60 -26.51 -15.71
C SER B 141 3.48 -25.72 -16.37
N GLU B 142 3.27 -24.50 -15.89
CA GLU B 142 2.25 -23.61 -16.38
C GLU B 142 2.96 -22.47 -17.06
N PRO B 143 2.40 -21.95 -18.16
CA PRO B 143 3.05 -20.82 -18.81
C PRO B 143 2.99 -19.60 -17.89
N VAL B 144 4.00 -18.75 -17.94
CA VAL B 144 3.97 -17.56 -17.12
C VAL B 144 4.39 -16.37 -17.94
N PRO B 145 3.66 -15.25 -17.79
CA PRO B 145 3.92 -14.07 -18.63
C PRO B 145 5.23 -13.34 -18.36
N ILE B 146 5.85 -12.88 -19.45
CA ILE B 146 7.11 -12.18 -19.38
C ILE B 146 7.10 -11.14 -20.49
N GLU B 147 7.69 -9.98 -20.25
CA GLU B 147 7.77 -8.97 -21.32
C GLU B 147 9.04 -9.20 -22.12
N TRP B 148 8.86 -9.56 -23.38
CA TRP B 148 9.97 -9.94 -24.24
C TRP B 148 10.82 -8.72 -24.62
N PRO B 149 12.10 -8.95 -25.00
CA PRO B 149 12.95 -7.84 -25.42
C PRO B 149 12.44 -7.27 -26.72
N GLN B 150 12.61 -5.96 -26.86
CA GLN B 150 12.12 -5.26 -28.04
C GLN B 150 12.65 -5.92 -29.33
N SER B 151 13.93 -6.27 -29.30
CA SER B 151 14.56 -6.82 -30.50
C SER B 151 13.99 -8.20 -30.88
N TYR B 152 13.26 -8.83 -29.97
CA TYR B 152 12.69 -10.16 -30.27
C TYR B 152 11.28 -10.06 -30.83
N ASP B 153 10.87 -8.83 -31.14
CA ASP B 153 9.53 -8.59 -31.69
C ASP B 153 9.18 -9.46 -32.89
N SER B 154 10.14 -9.70 -33.79
CA SER B 154 9.87 -10.48 -35.00
C SER B 154 9.62 -11.99 -34.75
N ILE B 155 10.08 -12.51 -33.62
CA ILE B 155 9.84 -13.94 -33.33
C ILE B 155 8.98 -14.09 -32.08
N ASN B 156 8.37 -12.98 -31.66
CA ASN B 156 7.46 -12.99 -30.53
C ASN B 156 6.14 -13.63 -30.99
N PRO B 157 5.74 -14.74 -30.35
CA PRO B 157 4.45 -15.37 -30.68
C PRO B 157 3.24 -14.48 -30.49
N ASP B 158 3.33 -13.47 -29.63
CA ASP B 158 2.23 -12.54 -29.40
C ASP B 158 2.10 -11.43 -30.45
N LEU B 159 3.12 -11.26 -31.28
CA LEU B 159 3.10 -10.22 -32.31
C LEU B 159 2.95 -10.78 -33.72
N ILE B 160 3.41 -12.01 -33.94
CA ILE B 160 3.20 -12.67 -35.21
C ILE B 160 1.70 -12.88 -35.43
N LYS B 161 1.16 -12.34 -36.51
CA LYS B 161 -0.26 -12.47 -36.80
C LYS B 161 -0.59 -13.81 -37.44
N ASP B 162 0.17 -14.17 -38.48
CA ASP B 162 -0.12 -15.40 -39.24
C ASP B 162 0.41 -16.66 -38.58
N LYS B 163 1.72 -16.82 -38.43
CA LYS B 163 2.32 -18.01 -37.81
C LYS B 163 1.79 -19.32 -38.40
N ARG B 164 1.16 -19.23 -39.57
CA ARG B 164 0.60 -20.40 -40.24
C ARG B 164 1.12 -20.40 -41.66
N SER B 165 1.59 -19.26 -42.12
CA SER B 165 2.25 -19.16 -43.42
C SER B 165 3.62 -19.79 -43.26
N PRO B 166 4.29 -20.15 -44.38
CA PRO B 166 5.68 -20.62 -44.26
C PRO B 166 6.57 -19.69 -43.45
N GLU B 167 6.54 -18.37 -43.70
CA GLU B 167 7.34 -17.42 -42.95
C GLU B 167 6.88 -17.26 -41.50
N GLY B 168 5.57 -17.19 -41.29
CA GLY B 168 5.02 -17.03 -39.96
C GLY B 168 5.31 -18.23 -39.08
N LYS B 169 5.20 -19.42 -39.67
CA LYS B 169 5.45 -20.67 -38.95
C LYS B 169 6.91 -20.73 -38.52
N LYS B 170 7.79 -20.27 -39.41
CA LYS B 170 9.23 -20.27 -39.14
C LYS B 170 9.56 -19.29 -38.02
N LYS B 171 9.01 -18.07 -38.11
CA LYS B 171 9.24 -17.06 -37.08
C LYS B 171 8.75 -17.58 -35.73
N TYR B 172 7.56 -18.18 -35.76
CA TYR B 172 6.96 -18.72 -34.54
C TYR B 172 7.87 -19.76 -33.89
N ARG B 173 8.35 -20.72 -34.67
CA ARG B 173 9.20 -21.76 -34.12
C ARG B 173 10.50 -21.20 -33.59
N GLN B 174 11.02 -20.16 -34.22
CA GLN B 174 12.28 -19.58 -33.76
C GLN B 174 12.11 -18.97 -32.38
N GLY B 175 10.99 -18.29 -32.16
CA GLY B 175 10.71 -17.68 -30.86
C GLY B 175 10.55 -18.71 -29.76
N MET B 176 9.86 -19.80 -30.05
CA MET B 176 9.64 -20.86 -29.07
C MET B 176 10.94 -21.58 -28.69
N LYS B 177 11.98 -21.39 -29.49
CA LYS B 177 13.28 -22.00 -29.18
C LYS B 177 14.19 -21.07 -28.38
N THR B 178 13.71 -19.87 -28.08
CA THR B 178 14.45 -18.95 -27.23
C THR B 178 14.15 -19.22 -25.76
N ILE B 179 14.95 -18.64 -24.89
CA ILE B 179 14.75 -18.79 -23.45
C ILE B 179 13.37 -18.31 -23.05
N PHE B 180 12.87 -17.32 -23.76
CA PHE B 180 11.57 -16.77 -23.44
C PHE B 180 10.49 -17.78 -23.80
N GLY B 181 10.71 -18.58 -24.83
CA GLY B 181 9.76 -19.63 -25.19
C GLY B 181 9.69 -20.68 -24.09
N TRP B 182 10.82 -20.89 -23.43
CA TRP B 182 10.88 -21.84 -22.32
C TRP B 182 9.90 -21.45 -21.22
N PHE B 183 9.65 -20.17 -21.06
CA PHE B 183 8.73 -19.74 -20.01
C PHE B 183 7.28 -20.13 -20.23
N ARG B 184 6.91 -20.50 -21.44
CA ARG B 184 5.55 -20.98 -21.65
C ARG B 184 5.54 -22.48 -21.84
N TRP B 185 6.67 -23.12 -21.57
CA TRP B 185 6.77 -24.57 -21.60
C TRP B 185 5.82 -25.15 -20.57
N THR B 186 5.25 -26.33 -20.86
CA THR B 186 4.35 -27.00 -19.92
C THR B 186 4.62 -28.48 -19.86
N GLY B 187 5.18 -29.03 -20.94
CA GLY B 187 5.44 -30.46 -21.03
C GLY B 187 4.21 -31.23 -21.48
N LEU B 188 3.15 -30.50 -21.85
CA LEU B 188 1.88 -31.15 -22.23
C LEU B 188 1.63 -31.23 -23.73
N LYS B 189 2.53 -30.66 -24.53
CA LYS B 189 2.40 -30.70 -26.00
C LYS B 189 3.74 -31.12 -26.63
N PRO B 190 4.15 -32.37 -26.39
CA PRO B 190 5.43 -32.90 -26.88
C PRO B 190 5.75 -32.52 -28.34
N GLY B 191 6.96 -32.01 -28.56
CA GLY B 191 7.38 -31.64 -29.90
C GLY B 191 6.93 -30.27 -30.37
N LYS B 192 6.07 -29.62 -29.60
CA LYS B 192 5.55 -28.32 -30.00
C LYS B 192 6.01 -27.16 -29.09
N GLU B 193 6.81 -27.47 -28.06
CA GLU B 193 7.30 -26.44 -27.14
C GLU B 193 8.83 -26.40 -27.03
N PHE B 194 9.34 -25.46 -26.24
CA PHE B 194 10.77 -25.30 -26.09
C PHE B 194 11.38 -26.67 -25.76
N PRO B 195 12.36 -27.09 -26.57
CA PRO B 195 12.93 -28.43 -26.43
C PRO B 195 13.59 -28.69 -25.09
N HIS B 196 13.24 -29.81 -24.50
CA HIS B 196 13.88 -30.26 -23.25
C HIS B 196 13.70 -29.27 -22.10
N GLY B 197 12.54 -28.63 -22.03
CA GLY B 197 12.25 -27.73 -20.94
C GLY B 197 12.37 -28.42 -19.59
N ASP B 198 12.06 -29.71 -19.59
CA ASP B 198 12.11 -30.52 -18.37
C ASP B 198 13.54 -30.72 -17.87
N SER B 199 14.46 -31.04 -18.78
CA SER B 199 15.83 -31.27 -18.38
C SER B 199 16.46 -29.96 -17.92
N LEU B 200 16.05 -28.85 -18.53
CA LEU B 200 16.55 -27.55 -18.11
C LEU B 200 16.12 -27.28 -16.69
N ALA B 201 14.86 -27.51 -16.40
CA ALA B 201 14.36 -27.26 -15.04
C ALA B 201 15.14 -28.09 -14.01
N SER B 202 15.42 -29.34 -14.35
CA SER B 202 16.19 -30.20 -13.47
C SER B 202 17.61 -29.66 -13.28
N LEU B 203 18.16 -29.07 -14.33
CA LEU B 203 19.50 -28.50 -14.23
C LEU B 203 19.52 -27.49 -13.10
N PHE B 204 18.45 -26.72 -13.00
CA PHE B 204 18.40 -25.71 -11.96
C PHE B 204 18.23 -26.24 -10.55
N SER B 205 17.25 -27.11 -10.35
CA SER B 205 16.98 -27.65 -9.02
C SER B 205 18.03 -28.64 -8.51
N GLU B 206 18.65 -29.37 -9.43
CA GLU B 206 19.58 -30.41 -9.03
C GLU B 206 21.04 -30.02 -9.16
N GLU B 207 21.38 -29.06 -10.02
CA GLU B 207 22.78 -28.70 -10.22
C GLU B 207 23.11 -27.23 -9.96
N ILE B 208 22.50 -26.36 -10.74
CA ILE B 208 22.87 -24.94 -10.72
C ILE B 208 22.61 -24.28 -9.39
N TYR B 209 21.42 -24.42 -8.82
CA TYR B 209 21.19 -23.74 -7.56
C TYR B 209 21.98 -24.32 -6.40
N PRO B 210 22.02 -25.65 -6.26
CA PRO B 210 22.77 -26.20 -5.13
C PRO B 210 24.29 -26.02 -5.20
N PHE B 211 24.87 -26.14 -6.39
CA PHE B 211 26.32 -26.08 -6.52
C PHE B 211 26.88 -24.82 -7.20
N CYS B 212 26.07 -23.78 -7.30
CA CYS B 212 26.52 -22.55 -7.94
C CYS B 212 27.87 -22.05 -7.43
N VAL B 213 28.07 -22.12 -6.12
CA VAL B 213 29.32 -21.62 -5.52
C VAL B 213 30.53 -22.40 -6.03
N LYS B 214 30.38 -23.70 -6.20
CA LYS B 214 31.48 -24.50 -6.71
C LYS B 214 31.78 -24.11 -8.15
N TYR B 215 30.73 -23.81 -8.92
CA TYR B 215 30.91 -23.38 -10.32
C TYR B 215 31.61 -22.04 -10.36
N TYR B 216 31.18 -21.12 -9.51
CA TYR B 216 31.79 -19.79 -9.43
C TYR B 216 33.27 -19.86 -9.10
N ALA B 217 33.61 -20.67 -8.11
CA ALA B 217 34.99 -20.85 -7.68
C ALA B 217 35.84 -21.36 -8.83
N GLU B 218 35.33 -22.38 -9.50
CA GLU B 218 36.02 -22.98 -10.65
C GLU B 218 36.29 -21.92 -11.71
N ALA B 219 35.30 -21.05 -11.93
CA ALA B 219 35.42 -19.98 -12.92
C ALA B 219 36.46 -18.95 -12.50
N GLN B 220 36.48 -18.62 -11.21
CA GLN B 220 37.47 -17.66 -10.73
C GLN B 220 38.87 -18.26 -10.67
N ARG B 221 38.93 -19.58 -10.54
CA ARG B 221 40.04 -20.50 -10.44
C ARG B 221 41.31 -20.14 -11.00
N ASP B 222 41.90 -19.64 -9.97
CA ASP B 222 43.22 -18.97 -10.08
C ASP B 222 44.56 -19.76 -10.41
N LEU B 223 45.29 -19.17 -11.35
CA LEU B 223 46.71 -19.55 -11.56
C LEU B 223 47.57 -20.11 -10.35
N GLU B 224 48.62 -20.85 -10.68
CA GLU B 224 49.39 -21.62 -9.67
C GLU B 224 50.43 -20.74 -8.95
N ASP B 225 51.24 -21.37 -8.09
CA ASP B 225 52.38 -20.75 -7.39
C ASP B 225 52.35 -19.22 -7.23
N GLU C 10 -32.46 70.68 23.99
CA GLU C 10 -31.95 70.92 22.62
C GLU C 10 -30.78 69.95 22.32
N HIS C 11 -29.77 70.11 23.13
CA HIS C 11 -28.62 69.21 23.13
C HIS C 11 -29.10 67.78 23.56
N ALA C 12 -29.87 67.74 24.61
CA ALA C 12 -30.70 66.64 25.10
C ALA C 12 -31.44 65.93 23.98
N LYS C 13 -32.25 66.70 23.29
CA LYS C 13 -33.04 66.18 22.17
C LYS C 13 -32.12 65.51 21.17
N ALA C 14 -31.04 66.21 20.87
CA ALA C 14 -30.04 65.71 19.92
C ALA C 14 -29.45 64.36 20.35
N PHE C 15 -28.98 64.33 21.59
CA PHE C 15 -28.37 63.12 22.13
C PHE C 15 -29.34 61.93 22.12
N LEU C 16 -30.60 62.20 22.46
CA LEU C 16 -31.62 61.13 22.43
C LEU C 16 -31.80 60.69 21.01
N GLY C 17 -31.81 61.64 20.09
CA GLY C 17 -31.99 61.33 18.69
C GLY C 17 -30.86 60.48 18.14
N LEU C 18 -29.63 60.81 18.53
CA LEU C 18 -28.47 60.05 18.06
C LEU C 18 -28.48 58.62 18.61
N ALA C 19 -28.86 58.49 19.87
CA ALA C 19 -28.91 57.17 20.49
C ALA C 19 -29.89 56.27 19.70
N LYS C 20 -31.01 56.86 19.32
CA LYS C 20 -32.02 56.11 18.55
C LYS C 20 -31.50 55.76 17.16
N CYS C 21 -30.71 56.65 16.56
CA CYS C 21 -30.17 56.40 15.23
C CYS C 21 -29.19 55.21 15.26
N GLU C 22 -28.39 55.11 16.32
CA GLU C 22 -27.49 53.97 16.45
C GLU C 22 -28.27 52.64 16.47
N GLU C 23 -29.37 52.69 17.21
CA GLU C 23 -30.21 51.52 17.33
C GLU C 23 -30.72 51.12 15.94
N GLU C 24 -31.10 52.13 15.14
CA GLU C 24 -31.58 51.90 13.78
C GLU C 24 -30.48 51.34 12.91
N VAL C 25 -29.25 51.76 13.13
CA VAL C 25 -28.09 51.22 12.41
C VAL C 25 -27.97 49.72 12.69
N ASP C 26 -28.09 49.38 13.96
CA ASP C 26 -27.98 47.97 14.32
C ASP C 26 -29.08 47.12 13.65
N ALA C 27 -30.27 47.68 13.61
CA ALA C 27 -31.40 47.02 12.96
C ALA C 27 -31.13 46.86 11.47
N ILE C 28 -30.57 47.88 10.86
CA ILE C 28 -30.27 47.84 9.44
C ILE C 28 -29.24 46.77 9.14
N GLU C 29 -28.19 46.67 9.97
CA GLU C 29 -27.19 45.64 9.72
C GLU C 29 -27.82 44.25 9.70
N ARG C 30 -28.74 43.99 10.62
CA ARG C 30 -29.42 42.71 10.63
C ARG C 30 -30.23 42.51 9.34
N GLU C 31 -31.01 43.51 8.97
CA GLU C 31 -31.82 43.43 7.75
C GLU C 31 -30.96 43.16 6.52
N VAL C 32 -29.80 43.82 6.45
CA VAL C 32 -28.87 43.61 5.33
C VAL C 32 -28.35 42.19 5.31
N GLU C 33 -28.01 41.67 6.49
CA GLU C 33 -27.47 40.33 6.57
C GLU C 33 -28.50 39.27 6.14
N LEU C 34 -29.74 39.47 6.56
CA LEU C 34 -30.82 38.55 6.18
C LEU C 34 -31.02 38.53 4.69
N TYR C 35 -30.95 39.69 4.08
CA TYR C 35 -31.08 39.83 2.63
C TYR C 35 -29.98 39.04 1.93
N ARG C 36 -28.75 39.23 2.39
CA ARG C 36 -27.61 38.52 1.81
C ARG C 36 -27.81 37.00 1.92
N LEU C 37 -28.17 36.57 3.13
CA LEU C 37 -28.30 35.13 3.36
C LEU C 37 -29.43 34.50 2.53
N ASN C 38 -30.53 35.23 2.37
CA ASN C 38 -31.66 34.73 1.58
C ASN C 38 -31.30 34.59 0.11
N LYS C 39 -30.64 35.59 -0.43
CA LYS C 39 -30.26 35.57 -1.83
C LYS C 39 -29.21 34.52 -2.12
N MET C 40 -28.32 34.29 -1.14
CA MET C 40 -27.26 33.32 -1.32
C MET C 40 -27.70 31.84 -1.21
N LYS C 41 -28.68 31.62 -0.35
CA LYS C 41 -29.20 30.27 -0.12
C LYS C 41 -29.41 29.47 -1.41
N PRO C 42 -30.15 30.02 -2.38
CA PRO C 42 -30.47 29.32 -3.62
C PRO C 42 -29.24 29.04 -4.46
N VAL C 43 -28.27 29.97 -4.43
CA VAL C 43 -27.05 29.74 -5.19
C VAL C 43 -26.21 28.67 -4.53
N TYR C 44 -26.17 28.63 -3.21
CA TYR C 44 -25.44 27.57 -2.55
C TYR C 44 -26.01 26.18 -2.89
N GLU C 45 -27.34 26.10 -2.97
CA GLU C 45 -27.97 24.82 -3.27
C GLU C 45 -27.60 24.33 -4.66
N LYS C 46 -27.60 25.25 -5.62
CA LYS C 46 -27.24 24.94 -6.99
C LYS C 46 -25.78 24.51 -7.06
N ARG C 47 -24.92 25.30 -6.45
CA ARG C 47 -23.50 25.01 -6.41
C ARG C 47 -23.19 23.65 -5.79
N ASP C 48 -23.83 23.38 -4.65
CA ASP C 48 -23.64 22.12 -3.94
C ASP C 48 -23.97 20.91 -4.82
N ALA C 49 -24.98 21.09 -5.65
CA ALA C 49 -25.41 20.02 -6.54
C ALA C 49 -24.29 19.66 -7.52
N TYR C 50 -23.58 20.69 -7.98
CA TYR C 50 -22.49 20.46 -8.92
C TYR C 50 -21.29 19.85 -8.18
N ILE C 51 -21.10 20.28 -6.93
CA ILE C 51 -20.02 19.76 -6.10
C ILE C 51 -20.13 18.25 -5.89
N ASP C 52 -21.36 17.78 -5.76
CA ASP C 52 -21.62 16.35 -5.54
C ASP C 52 -21.15 15.47 -6.68
N GLU C 53 -20.90 16.08 -7.84
CA GLU C 53 -20.50 15.33 -9.03
C GLU C 53 -18.98 15.17 -9.11
N ILE C 54 -18.27 15.80 -8.18
CA ILE C 54 -16.81 15.70 -8.16
C ILE C 54 -16.37 14.99 -6.89
N ALA C 55 -16.22 13.67 -7.05
CA ALA C 55 -15.98 12.75 -5.92
C ALA C 55 -14.89 13.17 -4.92
N GLU C 56 -13.74 13.62 -5.41
CA GLU C 56 -12.63 13.90 -4.50
C GLU C 56 -12.52 15.38 -4.08
N PHE C 57 -13.57 16.15 -4.35
CA PHE C 57 -13.57 17.57 -4.09
C PHE C 57 -13.11 17.97 -2.67
N TRP C 58 -13.88 17.52 -1.69
CA TRP C 58 -13.62 17.91 -0.31
C TRP C 58 -12.29 17.41 0.20
N LYS C 59 -11.92 16.18 -0.17
CA LYS C 59 -10.63 15.66 0.25
C LYS C 59 -9.52 16.62 -0.17
N ILE C 60 -9.57 17.06 -1.42
CA ILE C 60 -8.56 17.96 -1.96
C ILE C 60 -8.55 19.33 -1.29
N VAL C 61 -9.76 19.88 -1.14
CA VAL C 61 -9.89 21.20 -0.52
C VAL C 61 -9.37 21.23 0.90
N LEU C 62 -9.77 20.25 1.68
CA LEU C 62 -9.38 20.20 3.08
C LEU C 62 -7.89 20.01 3.28
N SER C 63 -7.24 19.29 2.38
CA SER C 63 -5.80 19.09 2.48
C SER C 63 -5.08 20.34 1.99
N GLN C 64 -5.78 21.12 1.18
CA GLN C 64 -5.20 22.34 0.61
C GLN C 64 -5.22 23.53 1.55
N HIS C 65 -6.26 23.66 2.37
CA HIS C 65 -6.35 24.84 3.23
C HIS C 65 -5.10 24.94 4.10
N VAL C 66 -4.69 26.19 4.28
CA VAL C 66 -3.44 26.58 4.94
C VAL C 66 -3.35 26.27 6.45
N SER C 67 -4.45 26.50 7.15
CA SER C 67 -4.42 26.56 8.61
C SER C 67 -5.30 25.50 9.28
N PHE C 68 -6.26 25.01 8.53
CA PHE C 68 -7.05 23.87 8.95
C PHE C 68 -6.18 22.79 9.59
N ALA C 69 -5.08 22.44 8.91
CA ALA C 69 -4.18 21.40 9.39
C ALA C 69 -3.61 21.66 10.78
N ASN C 70 -3.50 22.93 11.16
CA ASN C 70 -2.97 23.29 12.47
C ASN C 70 -3.84 22.86 13.64
N TYR C 71 -5.11 22.58 13.36
CA TYR C 71 -6.07 22.26 14.41
C TYR C 71 -6.15 20.79 14.81
N ILE C 72 -5.68 19.89 13.96
CA ILE C 72 -5.93 18.47 14.17
C ILE C 72 -4.70 17.59 13.90
N ARG C 73 -4.58 16.49 14.63
CA ARG C 73 -3.42 15.61 14.45
C ARG C 73 -3.43 15.06 13.01
N ALA C 74 -2.23 14.98 12.43
CA ALA C 74 -2.14 14.61 11.04
C ALA C 74 -2.76 13.23 10.91
N SER C 75 -2.78 12.49 12.03
CA SER C 75 -3.39 11.16 12.11
C SER C 75 -4.85 11.15 11.64
N ASP C 76 -5.57 12.21 11.97
CA ASP C 76 -6.98 12.31 11.64
C ASP C 76 -7.25 12.41 10.14
N PHE C 77 -6.25 12.87 9.38
CA PHE C 77 -6.47 13.09 7.95
C PHE C 77 -6.90 11.86 7.17
N LYS C 78 -6.52 10.71 7.68
CA LYS C 78 -6.91 9.44 7.08
C LYS C 78 -8.43 9.42 6.95
N TYR C 79 -9.07 9.91 7.99
CA TYR C 79 -10.53 9.90 8.10
C TYR C 79 -11.15 11.14 7.48
N ILE C 80 -10.48 12.28 7.61
CA ILE C 80 -10.97 13.51 7.01
C ILE C 80 -11.04 13.33 5.49
N ASP C 81 -10.10 12.56 4.95
CA ASP C 81 -10.08 12.27 3.53
C ASP C 81 -11.34 11.53 3.02
N THR C 82 -12.12 10.95 3.92
CA THR C 82 -13.35 10.24 3.50
C THR C 82 -14.59 11.14 3.45
N ILE C 83 -14.43 12.39 3.83
CA ILE C 83 -15.54 13.32 3.76
C ILE C 83 -15.91 13.56 2.31
N ASP C 84 -17.16 13.31 1.95
CA ASP C 84 -17.58 13.54 0.58
C ASP C 84 -18.77 14.48 0.48
N LYS C 85 -19.07 15.17 1.56
CA LYS C 85 -20.19 16.13 1.53
C LYS C 85 -20.23 17.04 2.75
N ILE C 86 -20.40 18.33 2.51
CA ILE C 86 -20.49 19.30 3.56
C ILE C 86 -21.58 20.26 3.22
N LYS C 87 -22.45 20.54 4.18
CA LYS C 87 -23.49 21.54 3.95
C LYS C 87 -23.68 22.41 5.16
N VAL C 88 -23.64 23.72 4.94
CA VAL C 88 -23.87 24.67 6.00
C VAL C 88 -25.23 25.30 5.78
N GLU C 89 -26.03 25.46 6.83
CA GLU C 89 -27.23 26.25 6.69
C GLU C 89 -27.32 27.24 7.83
N TRP C 90 -27.80 28.42 7.49
CA TRP C 90 -27.94 29.46 8.49
C TRP C 90 -29.31 29.44 9.13
N LEU C 91 -29.29 29.28 10.44
CA LEU C 91 -30.50 29.15 11.24
C LEU C 91 -31.38 30.40 11.25
N ALA C 92 -30.80 31.58 11.03
CA ALA C 92 -31.55 32.82 11.08
C ALA C 92 -32.59 32.87 9.95
N LEU C 93 -32.43 31.98 8.95
CA LEU C 93 -33.36 31.91 7.83
C LEU C 93 -34.64 31.22 8.22
N GLU C 94 -34.56 30.39 9.26
CA GLU C 94 -35.70 29.61 9.75
C GLU C 94 -36.49 30.36 10.81
N SER C 95 -35.80 31.17 11.61
CA SER C 95 -36.44 31.93 12.66
C SER C 95 -35.64 33.18 13.01
N GLU C 96 -36.35 34.26 13.28
CA GLU C 96 -35.70 35.51 13.63
C GLU C 96 -35.18 35.52 15.07
N MET C 97 -35.41 34.43 15.80
CA MET C 97 -34.96 34.33 17.18
C MET C 97 -33.49 33.92 17.19
N TYR C 98 -33.00 33.52 16.02
CA TYR C 98 -31.62 33.12 15.90
C TYR C 98 -30.77 34.28 15.44
N ASP C 99 -29.55 34.37 15.98
CA ASP C 99 -28.60 35.37 15.52
C ASP C 99 -28.15 35.02 14.10
N THR C 100 -27.87 36.06 13.32
CA THR C 100 -27.46 35.91 11.94
C THR C 100 -26.29 34.99 11.73
N ARG C 101 -25.50 34.82 12.79
CA ARG C 101 -24.27 34.03 12.72
C ARG C 101 -24.48 32.57 13.08
N ASP C 102 -25.69 32.21 13.48
CA ASP C 102 -25.97 30.84 13.91
C ASP C 102 -26.11 29.89 12.72
N PHE C 103 -25.54 28.70 12.84
CA PHE C 103 -25.61 27.77 11.74
C PHE C 103 -25.45 26.31 12.11
N SER C 104 -25.84 25.44 11.19
CA SER C 104 -25.72 24.02 11.36
C SER C 104 -24.77 23.57 10.29
N ILE C 105 -24.00 22.55 10.58
CA ILE C 105 -23.08 22.03 9.61
C ILE C 105 -23.22 20.53 9.55
N THR C 106 -23.28 20.00 8.35
CA THR C 106 -23.56 18.59 8.15
C THR C 106 -22.43 17.96 7.36
N PHE C 107 -21.90 16.87 7.89
CA PHE C 107 -20.84 16.13 7.22
C PHE C 107 -21.29 14.74 6.81
N HIS C 108 -20.81 14.24 5.68
CA HIS C 108 -21.01 12.84 5.36
C HIS C 108 -19.63 12.24 5.16
N PHE C 109 -19.41 11.08 5.74
CA PHE C 109 -18.16 10.35 5.57
C PHE C 109 -18.44 9.07 4.82
N HIS C 110 -17.56 8.76 3.89
CA HIS C 110 -17.65 7.52 3.11
C HIS C 110 -17.27 6.31 3.98
N GLY C 111 -16.40 6.54 4.95
CA GLY C 111 -15.95 5.48 5.85
C GLY C 111 -14.78 4.65 5.35
N ILE C 112 -14.30 3.75 6.19
CA ILE C 112 -13.22 2.82 5.82
C ILE C 112 -13.59 1.43 6.36
N GLU C 113 -13.79 0.44 5.48
CA GLU C 113 -14.25 -0.87 5.94
C GLU C 113 -13.46 -1.40 7.16
N GLY C 114 -14.19 -1.79 8.22
CA GLY C 114 -13.58 -2.35 9.41
C GLY C 114 -12.87 -1.37 10.34
N ASP C 115 -12.82 -0.10 9.97
CA ASP C 115 -12.30 0.94 10.89
C ASP C 115 -13.34 2.04 11.19
N PHE C 116 -13.97 2.55 10.13
CA PHE C 116 -14.80 3.72 10.24
C PHE C 116 -16.09 3.58 9.44
N LYS C 117 -17.22 3.69 10.14
CA LYS C 117 -18.53 3.54 9.51
C LYS C 117 -18.94 4.73 8.61
N GLU C 118 -19.61 4.44 7.51
CA GLU C 118 -20.10 5.47 6.61
C GLU C 118 -21.24 6.13 7.36
N GLN C 119 -21.25 7.45 7.46
CA GLN C 119 -22.26 8.09 8.30
C GLN C 119 -22.36 9.58 8.05
N GLN C 120 -23.46 10.16 8.52
CA GLN C 120 -23.75 11.56 8.33
C GLN C 120 -23.97 12.18 9.70
N VAL C 121 -23.30 13.29 9.98
CA VAL C 121 -23.44 13.95 11.27
C VAL C 121 -23.63 15.46 11.12
N THR C 122 -24.46 16.02 11.99
CA THR C 122 -24.75 17.46 11.96
C THR C 122 -24.53 18.10 13.32
N LYS C 123 -23.82 19.22 13.35
CA LYS C 123 -23.62 19.94 14.60
C LYS C 123 -24.21 21.32 14.47
N VAL C 124 -24.66 21.88 15.58
CA VAL C 124 -25.26 23.22 15.59
C VAL C 124 -24.48 24.21 16.42
N PHE C 125 -24.28 25.40 15.87
CA PHE C 125 -23.60 26.44 16.61
C PHE C 125 -24.45 27.68 16.72
N GLN C 126 -24.54 28.22 17.93
CA GLN C 126 -25.32 29.43 18.18
C GLN C 126 -24.56 30.38 19.10
N ILE C 127 -24.80 31.68 18.90
CA ILE C 127 -24.16 32.70 19.72
C ILE C 127 -24.83 32.82 21.09
N LYS C 128 -24.04 33.22 22.08
CA LYS C 128 -24.52 33.58 23.42
C LYS C 128 -23.64 34.70 23.94
N LYS C 129 -24.14 35.47 24.92
CA LYS C 129 -23.36 36.53 25.57
C LYS C 129 -23.19 36.27 27.07
N GLY C 130 -22.09 36.72 27.65
CA GLY C 130 -21.90 36.59 29.09
C GLY C 130 -22.07 37.91 29.81
N LYS C 131 -22.20 38.97 29.02
CA LYS C 131 -22.21 40.35 29.51
C LYS C 131 -20.87 40.88 30.09
N ASP C 132 -20.86 42.14 30.45
CA ASP C 132 -19.69 42.86 30.97
C ASP C 132 -18.70 43.15 29.83
N ASP C 133 -17.77 42.25 29.60
CA ASP C 133 -16.78 42.40 28.53
C ASP C 133 -17.50 42.71 27.22
N GLN C 134 -16.90 43.59 26.43
CA GLN C 134 -17.57 44.11 25.24
C GLN C 134 -18.28 42.97 24.46
N GLU C 135 -17.72 41.77 24.57
CA GLU C 135 -18.23 40.56 23.95
C GLU C 135 -19.47 40.73 23.06
N ASP C 136 -19.27 40.62 21.75
CA ASP C 136 -20.38 40.60 20.83
C ASP C 136 -21.11 39.31 21.07
N GLY C 137 -20.51 38.45 21.86
CA GLY C 137 -21.08 37.15 22.17
C GLY C 137 -20.28 36.13 21.40
N ILE C 138 -20.33 34.89 21.86
CA ILE C 138 -19.37 33.89 21.42
C ILE C 138 -20.15 32.59 21.15
N LEU C 139 -19.52 31.72 20.40
CA LEU C 139 -20.21 30.54 19.93
C LEU C 139 -20.37 29.48 20.99
N THR C 140 -21.46 28.75 20.90
CA THR C 140 -21.70 27.58 21.74
C THR C 140 -22.21 26.48 20.86
N SER C 141 -22.09 25.24 21.35
CA SER C 141 -22.66 24.11 20.63
C SER C 141 -23.08 23.00 21.57
N GLU C 142 -23.75 22.00 21.02
CA GLU C 142 -24.22 20.85 21.76
C GLU C 142 -23.40 19.66 21.29
N PRO C 143 -23.08 18.73 22.20
CA PRO C 143 -22.33 17.55 21.75
C PRO C 143 -23.21 16.73 20.84
N VAL C 144 -22.60 16.08 19.85
CA VAL C 144 -23.40 15.26 18.96
C VAL C 144 -22.68 13.92 18.78
N PRO C 145 -23.45 12.81 18.86
CA PRO C 145 -22.85 11.48 18.82
C PRO C 145 -22.25 11.09 17.47
N ILE C 146 -21.11 10.40 17.52
CA ILE C 146 -20.42 9.96 16.33
C ILE C 146 -19.79 8.62 16.66
N GLU C 147 -19.76 7.70 15.72
CA GLU C 147 -19.10 6.43 15.98
C GLU C 147 -17.63 6.55 15.62
N TRP C 148 -16.79 6.44 16.63
CA TRP C 148 -15.36 6.67 16.47
C TRP C 148 -14.70 5.55 15.68
N PRO C 149 -13.54 5.82 15.06
CA PRO C 149 -12.83 4.78 14.33
C PRO C 149 -12.32 3.71 15.29
N GLN C 150 -12.31 2.47 14.82
CA GLN C 150 -11.88 1.36 15.65
C GLN C 150 -10.50 1.61 16.26
N SER C 151 -9.60 2.13 15.45
CA SER C 151 -8.24 2.34 15.92
C SER C 151 -8.13 3.41 17.01
N TYR C 152 -9.20 4.19 17.20
CA TYR C 152 -9.16 5.24 18.22
C TYR C 152 -9.73 4.74 19.56
N ASP C 153 -9.98 3.44 19.63
CA ASP C 153 -10.52 2.82 20.84
C ASP C 153 -9.77 3.16 22.12
N SER C 154 -8.44 3.21 22.06
CA SER C 154 -7.65 3.50 23.26
C SER C 154 -7.75 4.94 23.78
N ILE C 155 -8.17 5.89 22.95
CA ILE C 155 -8.31 7.29 23.42
C ILE C 155 -9.78 7.73 23.33
N ASN C 156 -10.67 6.75 23.15
CA ASN C 156 -12.10 7.00 23.13
C ASN C 156 -12.55 7.24 24.57
N PRO C 157 -13.11 8.43 24.85
CA PRO C 157 -13.64 8.73 26.19
C PRO C 157 -14.74 7.77 26.65
N ASP C 158 -15.45 7.13 25.74
CA ASP C 158 -16.51 6.19 26.09
C ASP C 158 -16.00 4.78 26.44
N LEU C 159 -14.74 4.49 26.14
CA LEU C 159 -14.19 3.16 26.43
C LEU C 159 -13.18 3.17 27.55
N ILE C 160 -12.52 4.30 27.77
CA ILE C 160 -11.62 4.46 28.91
C ILE C 160 -12.44 4.33 30.20
N LYS C 161 -12.07 3.37 31.04
CA LYS C 161 -12.79 3.14 32.29
C LYS C 161 -12.34 4.13 33.39
N ASP C 162 -11.03 4.25 33.55
CA ASP C 162 -10.41 5.10 34.53
C ASP C 162 -10.51 6.60 34.24
N LYS C 163 -9.72 7.03 33.26
CA LYS C 163 -9.60 8.45 32.89
C LYS C 163 -9.33 9.36 34.07
N ARG C 164 -8.93 8.78 35.19
CA ARG C 164 -8.65 9.53 36.41
C ARG C 164 -7.28 9.12 36.89
N SER C 165 -6.82 7.96 36.44
CA SER C 165 -5.46 7.51 36.71
C SER C 165 -4.52 8.37 35.86
N PRO C 166 -3.22 8.40 36.19
CA PRO C 166 -2.30 9.10 35.30
C PRO C 166 -2.39 8.67 33.84
N GLU C 167 -2.44 7.37 33.56
CA GLU C 167 -2.59 6.89 32.18
C GLU C 167 -3.97 7.17 31.57
N GLY C 168 -5.01 6.96 32.37
CA GLY C 168 -6.37 7.20 31.90
C GLY C 168 -6.62 8.66 31.57
N LYS C 169 -6.09 9.53 32.42
CA LYS C 169 -6.24 10.97 32.24
C LYS C 169 -5.54 11.40 30.95
N LYS C 170 -4.38 10.81 30.69
CA LYS C 170 -3.60 11.14 29.51
C LYS C 170 -4.32 10.66 28.26
N LYS C 171 -4.81 9.43 28.28
CA LYS C 171 -5.55 8.87 27.15
C LYS C 171 -6.78 9.72 26.87
N TYR C 172 -7.47 10.09 27.94
CA TYR C 172 -8.67 10.91 27.82
C TYR C 172 -8.37 12.23 27.12
N ARG C 173 -7.35 12.93 27.58
CA ARG C 173 -7.02 14.22 26.99
C ARG C 173 -6.60 14.08 25.53
N GLN C 174 -5.94 12.98 25.19
CA GLN C 174 -5.51 12.78 23.81
C GLN C 174 -6.71 12.66 22.89
N GLY C 175 -7.73 11.93 23.34
CA GLY C 175 -8.94 11.75 22.54
C GLY C 175 -9.69 13.06 22.33
N MET C 176 -9.78 13.87 23.38
CA MET C 176 -10.48 15.14 23.29
C MET C 176 -9.76 16.13 22.35
N LYS C 177 -8.51 15.84 22.02
CA LYS C 177 -7.75 16.72 21.11
C LYS C 177 -7.86 16.25 19.65
N THR C 178 -8.58 15.16 19.42
CA THR C 178 -8.82 14.70 18.04
C THR C 178 -10.04 15.41 17.47
N ILE C 179 -10.22 15.28 16.16
CA ILE C 179 -11.38 15.86 15.49
C ILE C 179 -12.67 15.34 16.09
N PHE C 180 -12.64 14.10 16.56
CA PHE C 180 -13.83 13.52 17.14
C PHE C 180 -14.15 14.16 18.46
N GLY C 181 -13.13 14.61 19.18
CA GLY C 181 -13.37 15.32 20.44
C GLY C 181 -14.04 16.66 20.17
N TRP C 182 -13.72 17.25 19.03
CA TRP C 182 -14.33 18.51 18.63
C TRP C 182 -15.85 18.37 18.54
N PHE C 183 -16.32 17.18 18.21
CA PHE C 183 -17.76 16.99 18.07
C PHE C 183 -18.53 17.06 19.36
N ARG C 184 -17.86 16.93 20.49
CA ARG C 184 -18.57 17.11 21.76
C ARG C 184 -18.21 18.45 22.38
N TRP C 185 -17.56 19.31 21.61
CA TRP C 185 -17.25 20.67 22.05
C TRP C 185 -18.56 21.41 22.29
N THR C 186 -18.55 22.33 23.25
CA THR C 186 -19.73 23.13 23.55
C THR C 186 -19.36 24.59 23.79
N GLY C 187 -18.12 24.81 24.22
CA GLY C 187 -17.68 26.16 24.57
C GLY C 187 -18.09 26.55 25.97
N LEU C 188 -18.64 25.61 26.72
CA LEU C 188 -19.12 25.88 28.07
C LEU C 188 -18.20 25.43 29.20
N LYS C 189 -17.11 24.77 28.85
CA LYS C 189 -16.11 24.32 29.85
C LYS C 189 -14.69 24.69 29.40
N PRO C 190 -14.40 26.01 29.35
CA PRO C 190 -13.11 26.52 28.88
C PRO C 190 -11.89 25.75 29.41
N GLY C 191 -11.00 25.36 28.51
CA GLY C 191 -9.79 24.64 28.89
C GLY C 191 -9.97 23.14 29.09
N LYS C 192 -11.20 22.66 29.05
CA LYS C 192 -11.47 21.23 29.27
C LYS C 192 -11.97 20.50 28.01
N GLU C 193 -12.14 21.23 26.91
CA GLU C 193 -12.62 20.64 25.65
C GLU C 193 -11.65 20.88 24.48
N PHE C 194 -12.01 20.35 23.31
CA PHE C 194 -11.19 20.45 22.13
C PHE C 194 -10.78 21.94 21.97
N PRO C 195 -9.48 22.21 21.92
CA PRO C 195 -8.98 23.57 21.85
C PRO C 195 -9.44 24.35 20.63
N HIS C 196 -9.95 25.55 20.88
CA HIS C 196 -10.33 26.47 19.81
C HIS C 196 -11.44 25.89 18.91
N GLY C 197 -12.38 25.15 19.49
CA GLY C 197 -13.48 24.62 18.73
C GLY C 197 -14.26 25.73 18.03
N ASP C 198 -14.27 26.90 18.66
CA ASP C 198 -14.98 28.05 18.14
C ASP C 198 -14.33 28.61 16.87
N SER C 199 -13.02 28.74 16.88
CA SER C 199 -12.32 29.28 15.71
C SER C 199 -12.43 28.30 14.55
N LEU C 200 -12.45 27.01 14.85
CA LEU C 200 -12.60 26.02 13.80
C LEU C 200 -13.96 26.16 13.14
N ALA C 201 -14.99 26.31 13.96
CA ALA C 201 -16.34 26.48 13.40
C ALA C 201 -16.41 27.69 12.48
N SER C 202 -15.77 28.78 12.89
CA SER C 202 -15.73 30.00 12.08
C SER C 202 -14.98 29.75 10.77
N LEU C 203 -13.96 28.92 10.82
CA LEU C 203 -13.22 28.61 9.61
C LEU C 203 -14.18 28.07 8.57
N PHE C 204 -15.11 27.24 9.02
CA PHE C 204 -16.06 26.64 8.09
C PHE C 204 -17.07 27.60 7.53
N SER C 205 -17.73 28.34 8.41
CA SER C 205 -18.79 29.25 7.99
C SER C 205 -18.28 30.49 7.25
N GLU C 206 -17.08 30.94 7.58
CA GLU C 206 -16.58 32.16 7.01
C GLU C 206 -15.57 31.97 5.89
N GLU C 207 -14.89 30.82 5.86
CA GLU C 207 -13.86 30.61 4.84
C GLU C 207 -14.05 29.37 3.95
N ILE C 208 -14.05 28.20 4.59
CA ILE C 208 -14.06 26.96 3.85
C ILE C 208 -15.30 26.75 3.01
N TYR C 209 -16.49 26.92 3.58
CA TYR C 209 -17.67 26.68 2.76
C TYR C 209 -17.87 27.71 1.66
N PRO C 210 -17.73 28.99 1.98
CA PRO C 210 -17.95 30.00 0.94
C PRO C 210 -16.90 30.02 -0.17
N PHE C 211 -15.64 29.81 0.16
CA PHE C 211 -14.59 29.92 -0.84
C PHE C 211 -13.95 28.59 -1.26
N CYS C 212 -14.60 27.47 -0.95
CA CYS C 212 -14.04 26.17 -1.30
C CYS C 212 -13.57 26.08 -2.75
N VAL C 213 -14.37 26.61 -3.67
CA VAL C 213 -14.01 26.54 -5.09
C VAL C 213 -12.69 27.23 -5.39
N LYS C 214 -12.47 28.37 -4.75
CA LYS C 214 -11.22 29.09 -4.98
C LYS C 214 -10.05 28.27 -4.43
N TYR C 215 -10.27 27.59 -3.31
CA TYR C 215 -9.24 26.74 -2.73
C TYR C 215 -8.95 25.55 -3.64
N TYR C 216 -10.00 24.93 -4.16
CA TYR C 216 -9.85 23.81 -5.09
C TYR C 216 -9.06 24.19 -6.32
N ALA C 217 -9.39 25.32 -6.91
CA ALA C 217 -8.69 25.80 -8.10
C ALA C 217 -7.19 25.98 -7.81
N GLU C 218 -6.92 26.65 -6.70
CA GLU C 218 -5.55 26.90 -6.27
C GLU C 218 -4.80 25.56 -6.12
N ALA C 219 -5.48 24.56 -5.59
CA ALA C 219 -4.89 23.24 -5.39
C ALA C 219 -4.64 22.54 -6.71
N GLN C 220 -5.56 22.68 -7.66
CA GLN C 220 -5.37 22.05 -8.96
C GLN C 220 -4.31 22.77 -9.77
N ARG C 221 -4.13 24.04 -9.46
CA ARG C 221 -3.10 24.86 -10.09
C ARG C 221 -1.69 24.41 -9.67
N ASP C 222 -1.57 23.94 -8.44
CA ASP C 222 -0.27 23.55 -7.91
C ASP C 222 0.13 22.14 -8.33
N LEU C 223 -0.87 21.32 -8.65
CA LEU C 223 -0.71 19.89 -8.96
C LEU C 223 0.22 19.56 -10.13
N GLU C 224 0.39 20.50 -11.07
CA GLU C 224 1.44 20.43 -12.11
C GLU C 224 2.66 21.30 -11.73
N ASP C 225 2.43 22.60 -11.48
CA ASP C 225 3.49 23.61 -11.28
C ASP C 225 4.77 23.30 -12.05
N GLU D 10 35.97 69.68 6.86
CA GLU D 10 36.33 68.42 7.56
C GLU D 10 35.06 67.67 8.00
N HIS D 11 33.94 68.10 7.41
CA HIS D 11 32.76 67.25 7.26
C HIS D 11 33.14 66.00 6.46
N ALA D 12 34.04 66.16 5.48
CA ALA D 12 34.56 65.06 4.70
C ALA D 12 35.23 64.02 5.59
N LYS D 13 36.17 64.51 6.39
CA LYS D 13 36.88 63.63 7.31
C LYS D 13 35.89 62.95 8.22
N ALA D 14 34.91 63.72 8.70
CA ALA D 14 33.87 63.20 9.57
C ALA D 14 33.10 62.03 8.92
N PHE D 15 32.62 62.27 7.71
CA PHE D 15 31.86 61.27 6.99
C PHE D 15 32.65 59.99 6.74
N LEU D 16 33.92 60.18 6.39
CA LEU D 16 34.78 59.04 6.16
C LEU D 16 34.97 58.28 7.48
N GLY D 17 35.12 59.05 8.55
CA GLY D 17 35.31 58.46 9.86
C GLY D 17 34.10 57.69 10.31
N LEU D 18 32.90 58.22 10.04
CA LEU D 18 31.65 57.57 10.40
C LEU D 18 31.47 56.25 9.67
N ALA D 19 31.80 56.26 8.38
CA ALA D 19 31.67 55.05 7.59
C ALA D 19 32.53 53.92 8.21
N LYS D 20 33.73 54.30 8.63
CA LYS D 20 34.64 53.32 9.23
C LYS D 20 34.12 52.84 10.58
N CYS D 21 33.48 53.73 11.34
CA CYS D 21 32.95 53.37 12.65
C CYS D 21 31.83 52.34 12.51
N GLU D 22 30.98 52.49 11.49
CA GLU D 22 29.91 51.52 11.23
C GLU D 22 30.52 50.11 11.00
N GLU D 23 31.60 50.11 10.23
CA GLU D 23 32.26 48.86 9.92
C GLU D 23 32.76 48.21 11.22
N GLU D 24 33.28 49.03 12.13
CA GLU D 24 33.77 48.55 13.42
C GLU D 24 32.63 48.02 14.26
N VAL D 25 31.46 48.63 14.15
CA VAL D 25 30.26 48.16 14.84
C VAL D 25 29.93 46.74 14.38
N ASP D 26 29.97 46.56 13.06
CA ASP D 26 29.65 45.26 12.53
C ASP D 26 30.64 44.18 13.02
N ALA D 27 31.90 44.57 13.09
CA ALA D 27 32.95 43.69 13.59
C ALA D 27 32.71 43.36 15.05
N ILE D 28 32.28 44.35 15.83
CA ILE D 28 32.00 44.13 17.24
C ILE D 28 30.85 43.17 17.42
N GLU D 29 29.78 43.31 16.64
CA GLU D 29 28.67 42.39 16.79
C GLU D 29 29.13 40.92 16.57
N ARG D 30 30.01 40.70 15.60
CA ARG D 30 30.53 39.37 15.36
C ARG D 30 31.35 38.89 16.55
N GLU D 31 32.24 39.73 17.05
CA GLU D 31 33.05 39.38 18.22
C GLU D 31 32.18 39.02 19.41
N VAL D 32 31.09 39.77 19.61
CA VAL D 32 30.12 39.50 20.68
C VAL D 32 29.48 38.12 20.51
N GLU D 33 29.09 37.82 19.29
CA GLU D 33 28.43 36.56 19.01
C GLU D 33 29.36 35.35 19.25
N LEU D 34 30.62 35.50 18.84
CA LEU D 34 31.61 34.45 19.05
C LEU D 34 31.82 34.19 20.52
N TYR D 35 31.84 35.25 21.30
CA TYR D 35 32.00 35.17 22.75
C TYR D 35 30.84 34.37 23.34
N ARG D 36 29.62 34.72 22.94
CA ARG D 36 28.45 34.02 23.42
C ARG D 36 28.51 32.54 23.08
N LEU D 37 28.84 32.26 21.82
CA LEU D 37 28.84 30.85 21.39
C LEU D 37 29.91 30.03 22.11
N ASN D 38 31.07 30.64 22.35
CA ASN D 38 32.16 29.96 23.05
C ASN D 38 31.81 29.62 24.48
N LYS D 39 31.22 30.59 25.18
CA LYS D 39 30.85 30.40 26.57
C LYS D 39 29.72 29.39 26.72
N MET D 40 28.82 29.37 25.75
CA MET D 40 27.68 28.47 25.80
C MET D 40 28.02 26.99 25.48
N LYS D 41 28.97 26.83 24.57
CA LYS D 41 29.39 25.48 24.16
C LYS D 41 29.55 24.50 25.32
N PRO D 42 30.34 24.87 26.35
CA PRO D 42 30.61 23.97 27.47
C PRO D 42 29.35 23.68 28.29
N VAL D 43 28.45 24.65 28.39
CA VAL D 43 27.22 24.42 29.13
C VAL D 43 26.29 23.51 28.33
N TYR D 44 26.25 23.65 27.03
CA TYR D 44 25.44 22.74 26.24
C TYR D 44 25.92 21.28 26.36
N GLU D 45 27.23 21.10 26.43
CA GLU D 45 27.78 19.74 26.55
C GLU D 45 27.37 19.10 27.89
N LYS D 46 27.41 19.89 28.95
CA LYS D 46 27.01 19.43 30.27
C LYS D 46 25.52 19.11 30.27
N ARG D 47 24.72 20.03 29.76
CA ARG D 47 23.25 19.82 29.64
C ARG D 47 22.91 18.55 28.88
N ASP D 48 23.55 18.40 27.73
CA ASP D 48 23.29 17.24 26.86
C ASP D 48 23.54 15.92 27.59
N ALA D 49 24.54 15.93 28.45
CA ALA D 49 24.90 14.74 29.20
C ALA D 49 23.74 14.33 30.12
N TYR D 50 23.08 15.32 30.71
CA TYR D 50 21.97 15.06 31.60
C TYR D 50 20.75 14.62 30.79
N ILE D 51 20.61 15.19 29.60
CA ILE D 51 19.51 14.84 28.70
C ILE D 51 19.53 13.37 28.32
N ASP D 52 20.75 12.84 28.14
CA ASP D 52 20.92 11.45 27.76
C ASP D 52 20.38 10.46 28.79
N GLU D 53 20.15 10.95 30.01
CA GLU D 53 19.67 10.10 31.11
C GLU D 53 18.15 10.02 31.13
N ILE D 54 17.49 10.79 30.28
CA ILE D 54 16.04 10.76 30.21
C ILE D 54 15.59 10.20 28.87
N ALA D 55 15.36 8.90 28.88
CA ALA D 55 15.10 8.11 27.65
C ALA D 55 14.08 8.69 26.68
N GLU D 56 12.94 9.15 27.18
CA GLU D 56 11.87 9.61 26.29
C GLU D 56 11.86 11.11 26.06
N PHE D 57 12.94 11.78 26.41
CA PHE D 57 13.00 13.23 26.36
C PHE D 57 12.59 13.84 25.01
N TRP D 58 13.33 13.49 23.98
CA TRP D 58 13.10 14.07 22.66
C TRP D 58 11.76 13.72 22.09
N LYS D 59 11.32 12.48 22.29
CA LYS D 59 10.02 12.09 21.80
C LYS D 59 8.96 13.03 22.33
N ILE D 60 9.03 13.30 23.63
CA ILE D 60 8.05 14.16 24.31
C ILE D 60 8.13 15.61 23.83
N VAL D 61 9.35 16.12 23.75
CA VAL D 61 9.56 17.49 23.35
C VAL D 61 9.05 17.75 21.94
N LEU D 62 9.41 16.87 21.02
CA LEU D 62 9.01 17.02 19.64
C LEU D 62 7.50 16.95 19.42
N SER D 63 6.82 16.13 20.23
CA SER D 63 5.38 16.03 20.10
C SER D 63 4.72 17.23 20.76
N GLN D 64 5.46 17.87 21.68
CA GLN D 64 4.94 19.02 22.41
C GLN D 64 5.00 20.33 21.63
N HIS D 65 6.06 20.51 20.83
CA HIS D 65 6.19 21.78 20.13
C HIS D 65 4.95 22.07 19.30
N VAL D 66 4.60 23.35 19.29
CA VAL D 66 3.37 23.88 18.72
C VAL D 66 3.24 23.78 17.19
N SER D 67 4.33 24.05 16.50
CA SER D 67 4.30 24.28 15.05
C SER D 67 5.11 23.26 14.25
N PHE D 68 6.06 22.62 14.92
CA PHE D 68 6.80 21.52 14.34
C PHE D 68 5.87 20.57 13.57
N ALA D 69 4.78 20.18 14.20
CA ALA D 69 3.83 19.25 13.61
C ALA D 69 3.25 19.73 12.27
N ASN D 70 3.20 21.03 12.06
CA ASN D 70 2.67 21.60 10.81
C ASN D 70 3.52 21.29 9.59
N TYR D 71 4.78 20.93 9.81
CA TYR D 71 5.73 20.72 8.73
C TYR D 71 5.74 19.30 8.12
N ILE D 72 5.24 18.32 8.85
CA ILE D 72 5.44 16.93 8.45
C ILE D 72 4.19 16.06 8.61
N ARG D 73 4.03 15.07 7.74
CA ARG D 73 2.83 14.23 7.78
C ARG D 73 2.80 13.47 9.09
N ALA D 74 1.60 13.36 9.65
CA ALA D 74 1.45 12.76 10.97
C ALA D 74 2.06 11.39 10.90
N SER D 75 2.03 10.82 9.70
CA SER D 75 2.59 9.49 9.43
C SER D 75 4.04 9.35 9.89
N ASP D 76 4.81 10.42 9.71
CA ASP D 76 6.22 10.42 10.05
C ASP D 76 6.49 10.29 11.56
N PHE D 77 5.51 10.68 12.38
CA PHE D 77 5.73 10.71 13.83
C PHE D 77 6.11 9.37 14.42
N LYS D 78 5.69 8.31 13.76
CA LYS D 78 6.01 6.96 14.18
C LYS D 78 7.53 6.86 14.31
N TYR D 79 8.20 7.46 13.33
CA TYR D 79 9.66 7.40 13.22
C TYR D 79 10.32 8.52 14.01
N ILE D 80 9.70 9.70 14.03
CA ILE D 80 10.23 10.81 14.80
C ILE D 80 10.29 10.42 16.27
N ASP D 81 9.33 9.62 16.71
CA ASP D 81 9.30 9.15 18.08
C ASP D 81 10.51 8.28 18.48
N THR D 82 11.26 7.80 17.51
CA THR D 82 12.45 6.97 17.83
C THR D 82 13.73 7.79 18.00
N ILE D 83 13.63 9.10 17.81
CA ILE D 83 14.80 9.96 18.01
C ILE D 83 15.17 9.97 19.48
N ASP D 84 16.40 9.61 19.80
CA ASP D 84 16.82 9.63 21.19
C ASP D 84 18.05 10.50 21.43
N LYS D 85 18.40 11.33 20.44
CA LYS D 85 19.56 12.22 20.61
C LYS D 85 19.66 13.29 19.54
N ILE D 86 19.89 14.52 19.96
CA ILE D 86 20.04 15.63 19.05
C ILE D 86 21.18 16.50 19.51
N LYS D 87 22.06 16.87 18.60
CA LYS D 87 23.15 17.77 18.96
C LYS D 87 23.39 18.80 17.88
N VAL D 88 23.42 20.07 18.28
CA VAL D 88 23.68 21.15 17.38
C VAL D 88 25.06 21.69 17.68
N GLU D 89 25.85 21.99 16.65
CA GLU D 89 27.14 22.59 16.85
C GLU D 89 27.31 23.74 15.89
N TRP D 90 27.87 24.84 16.37
CA TRP D 90 28.04 26.01 15.53
C TRP D 90 29.40 26.04 14.86
N LEU D 91 29.35 26.07 13.54
CA LEU D 91 30.54 26.00 12.71
C LEU D 91 31.49 27.18 12.86
N ALA D 92 30.97 28.35 13.25
CA ALA D 92 31.81 29.56 13.38
C ALA D 92 32.87 29.39 14.49
N LEU D 93 32.66 28.38 15.34
CA LEU D 93 33.61 28.08 16.42
C LEU D 93 34.84 27.38 15.90
N GLU D 94 34.70 26.72 14.76
CA GLU D 94 35.79 25.96 14.14
C GLU D 94 36.62 26.82 13.17
N SER D 95 35.96 27.78 12.53
CA SER D 95 36.64 28.66 11.59
C SER D 95 35.91 29.97 11.43
N GLU D 96 36.68 31.04 11.30
CA GLU D 96 36.12 32.37 11.15
C GLU D 96 35.57 32.62 9.73
N MET D 97 35.72 31.64 8.85
CA MET D 97 35.24 31.78 7.49
C MET D 97 33.75 31.45 7.45
N TYR D 98 33.25 30.88 8.55
CA TYR D 98 31.84 30.54 8.65
C TYR D 98 31.06 31.67 9.28
N ASP D 99 29.85 31.90 8.79
CA ASP D 99 28.94 32.87 9.40
C ASP D 99 28.51 32.33 10.77
N THR D 100 28.28 33.27 11.68
CA THR D 100 27.88 32.97 13.03
C THR D 100 26.65 32.07 13.14
N ARG D 101 25.84 32.08 12.09
CA ARG D 101 24.58 31.35 12.07
C ARG D 101 24.71 29.94 11.51
N ASP D 102 25.89 29.57 11.04
CA ASP D 102 26.09 28.28 10.39
C ASP D 102 26.19 27.16 11.42
N PHE D 103 25.56 26.02 11.14
CA PHE D 103 25.58 24.94 12.11
C PHE D 103 25.34 23.55 11.52
N SER D 104 25.67 22.55 12.33
CA SER D 104 25.49 21.18 11.96
C SER D 104 24.53 20.61 12.97
N ILE D 105 23.73 19.65 12.54
CA ILE D 105 22.78 19.05 13.45
C ILE D 105 22.85 17.55 13.28
N THR D 106 22.88 16.86 14.40
CA THR D 106 23.08 15.41 14.40
C THR D 106 21.93 14.72 15.11
N PHE D 107 21.34 13.76 14.43
CA PHE D 107 20.24 12.99 14.99
C PHE D 107 20.63 11.53 15.19
N HIS D 108 20.13 10.89 16.24
CA HIS D 108 20.26 9.45 16.36
C HIS D 108 18.85 8.88 16.48
N PHE D 109 18.58 7.83 15.72
CA PHE D 109 17.28 7.16 15.77
C PHE D 109 17.47 5.76 16.32
N HIS D 110 16.57 5.35 17.20
CA HIS D 110 16.60 4.02 17.79
C HIS D 110 16.17 2.97 16.77
N GLY D 111 15.31 3.37 15.83
CA GLY D 111 14.82 2.46 14.79
C GLY D 111 13.61 1.61 15.16
N ILE D 112 13.11 0.85 14.19
CA ILE D 112 11.97 -0.03 14.41
C ILE D 112 12.19 -1.36 13.69
N GLU D 113 12.03 -2.45 14.43
CA GLU D 113 12.14 -3.80 13.86
C GLU D 113 11.42 -3.94 12.52
N GLY D 114 12.17 -4.42 11.53
CA GLY D 114 11.60 -4.71 10.22
C GLY D 114 11.30 -3.52 9.33
N ASP D 115 11.44 -2.31 9.85
CA ASP D 115 11.02 -1.12 9.10
C ASP D 115 12.11 -0.05 8.97
N PHE D 116 12.75 0.26 10.10
CA PHE D 116 13.62 1.39 10.18
C PHE D 116 14.89 1.09 10.96
N LYS D 117 16.03 1.26 10.31
CA LYS D 117 17.33 0.95 10.90
C LYS D 117 17.78 1.97 11.95
N GLU D 118 18.43 1.50 13.01
CA GLU D 118 18.98 2.36 14.04
C GLU D 118 20.14 3.07 13.38
N GLN D 119 20.22 4.39 13.46
CA GLN D 119 21.26 5.10 12.73
C GLN D 119 21.43 6.54 13.19
N GLN D 120 22.55 7.14 12.80
CA GLN D 120 22.91 8.50 13.18
C GLN D 120 23.15 9.29 11.92
N VAL D 121 22.54 10.46 11.81
CA VAL D 121 22.73 11.30 10.62
C VAL D 121 22.99 12.75 10.99
N THR D 122 23.84 13.40 10.20
CA THR D 122 24.19 14.80 10.44
C THR D 122 24.01 15.64 9.19
N LYS D 123 23.35 16.79 9.32
CA LYS D 123 23.19 17.69 8.19
C LYS D 123 23.83 19.02 8.51
N VAL D 124 24.29 19.71 7.46
CA VAL D 124 24.96 20.98 7.65
C VAL D 124 24.26 22.15 6.97
N PHE D 125 24.12 23.25 7.68
CA PHE D 125 23.49 24.42 7.09
C PHE D 125 24.41 25.62 7.16
N GLN D 126 24.53 26.32 6.03
CA GLN D 126 25.33 27.56 5.97
C GLN D 126 24.62 28.67 5.20
N ILE D 127 24.90 29.90 5.58
CA ILE D 127 24.32 31.06 4.92
C ILE D 127 25.00 31.38 3.61
N LYS D 128 24.23 31.96 2.69
CA LYS D 128 24.75 32.52 1.44
C LYS D 128 23.94 33.76 1.10
N LYS D 129 24.52 34.64 0.29
CA LYS D 129 23.82 35.85 -0.19
C LYS D 129 23.72 35.83 -1.72
N GLY D 130 22.66 36.43 -2.26
CA GLY D 130 22.50 36.49 -3.70
C GLY D 130 22.69 37.90 -4.20
N LYS D 131 23.00 38.82 -3.28
CA LYS D 131 23.02 40.29 -3.52
C LYS D 131 21.58 40.79 -3.75
N ASP D 132 21.24 41.89 -4.40
CA ASP D 132 19.83 42.09 -4.88
C ASP D 132 18.77 42.04 -3.67
N ASP D 133 18.75 43.06 -3.01
CA ASP D 133 17.60 42.94 -2.09
C ASP D 133 18.24 42.72 -0.82
N GLN D 134 17.61 43.34 0.12
CA GLN D 134 18.23 43.58 1.47
C GLN D 134 18.90 42.29 1.97
N GLU D 135 18.34 41.17 1.55
CA GLU D 135 18.80 39.83 1.90
C GLU D 135 20.00 39.76 2.84
N ASP D 136 19.73 39.42 4.11
CA ASP D 136 20.79 39.18 5.05
C ASP D 136 21.49 37.93 4.60
N GLY D 137 20.88 37.26 3.63
CA GLY D 137 21.40 36.00 3.15
C GLY D 137 20.53 34.90 3.72
N ILE D 138 20.58 33.73 3.09
CA ILE D 138 19.62 32.68 3.34
C ILE D 138 20.33 31.36 3.50
N LEU D 139 19.65 30.43 4.13
CA LEU D 139 20.29 29.17 4.45
C LEU D 139 20.39 28.26 3.23
N THR D 140 21.44 27.46 3.22
CA THR D 140 21.62 26.43 2.19
C THR D 140 22.11 25.18 2.90
N SER D 141 21.93 24.03 2.26
CA SER D 141 22.43 22.78 2.79
C SER D 141 22.79 21.79 1.69
N GLU D 142 23.41 20.70 2.10
CA GLU D 142 23.83 19.63 1.21
C GLU D 142 22.95 18.42 1.51
N PRO D 143 22.59 17.63 0.47
CA PRO D 143 21.80 16.45 0.75
C PRO D 143 22.64 15.46 1.52
N VAL D 144 22.01 14.68 2.40
CA VAL D 144 22.75 13.68 3.14
C VAL D 144 21.98 12.37 3.14
N PRO D 145 22.69 11.26 2.93
CA PRO D 145 22.04 9.96 2.80
C PRO D 145 21.42 9.41 4.09
N ILE D 146 20.27 8.78 3.94
CA ILE D 146 19.56 8.19 5.05
C ILE D 146 18.86 6.95 4.54
N GLU D 147 18.79 5.90 5.35
CA GLU D 147 18.07 4.71 4.91
C GLU D 147 16.61 4.86 5.29
N TRP D 148 15.76 4.94 4.27
CA TRP D 148 14.34 5.22 4.45
C TRP D 148 13.62 4.02 5.07
N PRO D 149 12.46 4.27 5.72
CA PRO D 149 11.71 3.16 6.30
C PRO D 149 11.17 2.28 5.18
N GLN D 150 11.08 0.98 5.46
CA GLN D 150 10.63 0.03 4.47
C GLN D 150 9.27 0.43 3.90
N SER D 151 8.38 0.86 4.78
CA SER D 151 7.04 1.20 4.36
C SER D 151 6.98 2.42 3.44
N TYR D 152 8.07 3.18 3.36
CA TYR D 152 8.10 4.37 2.52
C TYR D 152 8.63 4.07 1.12
N ASP D 153 8.82 2.79 0.85
CA ASP D 153 9.33 2.34 -0.44
C ASP D 153 8.57 2.91 -1.65
N SER D 154 7.25 3.01 -1.57
CA SER D 154 6.45 3.51 -2.70
C SER D 154 6.63 5.01 -3.00
N ILE D 155 7.11 5.80 -2.04
CA ILE D 155 7.31 7.24 -2.31
C ILE D 155 8.79 7.58 -2.17
N ASN D 156 9.63 6.55 -2.14
CA ASN D 156 11.08 6.73 -2.10
C ASN D 156 11.55 7.17 -3.49
N PRO D 157 12.16 8.37 -3.60
CA PRO D 157 12.70 8.83 -4.89
C PRO D 157 13.76 7.92 -5.50
N ASP D 158 14.44 7.10 -4.69
CA ASP D 158 15.45 6.17 -5.19
C ASP D 158 14.87 4.86 -5.75
N LEU D 159 13.59 4.58 -5.49
CA LEU D 159 12.97 3.36 -5.98
C LEU D 159 11.95 3.57 -7.09
N ILE D 160 11.35 4.76 -7.11
CA ILE D 160 10.44 5.13 -8.20
C ILE D 160 11.21 5.15 -9.52
N LYS D 161 10.76 4.35 -10.48
CA LYS D 161 11.45 4.24 -11.77
C LYS D 161 11.11 5.41 -12.69
N ASP D 162 9.81 5.67 -12.87
CA ASP D 162 9.40 6.73 -13.78
C ASP D 162 9.50 8.13 -13.17
N LYS D 163 8.73 8.41 -12.13
CA LYS D 163 8.67 9.75 -11.52
C LYS D 163 8.46 10.86 -12.56
N ARG D 164 8.03 10.48 -13.76
CA ARG D 164 7.79 11.41 -14.84
C ARG D 164 6.40 11.15 -15.37
N SER D 165 5.89 9.95 -15.10
CA SER D 165 4.51 9.63 -15.43
C SER D 165 3.62 10.38 -14.44
N PRO D 166 2.32 10.54 -14.77
CA PRO D 166 1.41 11.11 -13.78
C PRO D 166 1.49 10.45 -12.40
N GLU D 167 1.49 9.12 -12.33
CA GLU D 167 1.62 8.41 -11.05
C GLU D 167 2.99 8.53 -10.41
N GLY D 168 4.04 8.41 -11.22
CA GLY D 168 5.39 8.50 -10.72
C GLY D 168 5.70 9.88 -10.18
N LYS D 169 5.21 10.91 -10.89
CA LYS D 169 5.43 12.30 -10.48
C LYS D 169 4.75 12.55 -9.14
N LYS D 170 3.56 11.98 -8.98
CA LYS D 170 2.80 12.15 -7.75
C LYS D 170 3.49 11.45 -6.60
N LYS D 171 3.92 10.21 -6.81
CA LYS D 171 4.63 9.47 -5.77
C LYS D 171 5.90 10.19 -5.37
N TYR D 172 6.61 10.70 -6.38
CA TYR D 172 7.84 11.44 -6.14
C TYR D 172 7.60 12.65 -5.24
N ARG D 173 6.60 13.46 -5.59
CA ARG D 173 6.31 14.66 -4.81
C ARG D 173 5.89 14.31 -3.38
N GLN D 174 5.18 13.21 -3.21
CA GLN D 174 4.75 12.82 -1.87
C GLN D 174 5.94 12.49 -0.98
N GLY D 175 6.93 11.79 -1.54
CA GLY D 175 8.13 11.46 -0.79
C GLY D 175 8.96 12.67 -0.40
N MET D 176 9.07 13.63 -1.31
CA MET D 176 9.83 14.84 -1.04
C MET D 176 9.16 15.72 0.02
N LYS D 177 7.90 15.44 0.33
CA LYS D 177 7.20 16.19 1.36
C LYS D 177 7.28 15.51 2.73
N THR D 178 7.95 14.37 2.80
CA THR D 178 8.18 13.69 4.07
C THR D 178 9.43 14.25 4.73
N ILE D 179 9.61 13.91 6.01
CA ILE D 179 10.79 14.32 6.76
C ILE D 179 12.05 13.85 6.08
N PHE D 180 11.96 12.71 5.44
CA PHE D 180 13.13 12.16 4.79
C PHE D 180 13.48 12.98 3.56
N GLY D 181 12.48 13.57 2.92
CA GLY D 181 12.74 14.46 1.78
C GLY D 181 13.47 15.71 2.24
N TRP D 182 13.19 16.14 3.46
CA TRP D 182 13.85 17.29 4.04
C TRP D 182 15.37 17.07 4.10
N PHE D 183 15.79 15.83 4.26
CA PHE D 183 17.21 15.55 4.35
C PHE D 183 17.98 15.79 3.07
N ARG D 184 17.30 15.87 1.94
CA ARG D 184 18.00 16.21 0.71
C ARG D 184 17.71 17.64 0.29
N TRP D 185 17.09 18.39 1.19
CA TRP D 185 16.86 19.82 0.95
C TRP D 185 18.19 20.53 0.84
N THR D 186 18.24 21.58 0.01
CA THR D 186 19.45 22.38 -0.19
C THR D 186 19.15 23.87 -0.22
N GLY D 187 17.92 24.20 -0.63
CA GLY D 187 17.52 25.58 -0.77
C GLY D 187 17.91 26.16 -2.11
N LEU D 188 18.44 25.32 -2.99
CA LEU D 188 18.92 25.79 -4.30
C LEU D 188 18.02 25.51 -5.49
N LYS D 189 16.90 24.82 -5.25
CA LYS D 189 15.92 24.52 -6.31
C LYS D 189 14.51 24.87 -5.84
N PRO D 190 14.25 26.16 -5.64
CA PRO D 190 12.95 26.64 -5.14
C PRO D 190 11.74 25.96 -5.78
N GLY D 191 10.81 25.50 -4.95
CA GLY D 191 9.60 24.86 -5.44
C GLY D 191 9.75 23.39 -5.81
N LYS D 192 10.98 22.89 -5.78
CA LYS D 192 11.21 21.48 -6.14
C LYS D 192 11.66 20.62 -4.96
N GLU D 193 11.82 21.22 -3.78
CA GLU D 193 12.28 20.47 -2.60
C GLU D 193 11.32 20.60 -1.40
N PHE D 194 11.65 19.89 -0.33
CA PHE D 194 10.82 19.86 0.86
C PHE D 194 10.49 21.31 1.24
N PRO D 195 9.18 21.61 1.35
CA PRO D 195 8.75 23.00 1.60
C PRO D 195 9.26 23.59 2.91
N HIS D 196 9.80 24.79 2.83
CA HIS D 196 10.23 25.52 4.03
C HIS D 196 11.30 24.78 4.82
N GLY D 197 12.21 24.09 4.14
CA GLY D 197 13.29 23.40 4.82
C GLY D 197 14.11 24.37 5.66
N ASP D 198 14.18 25.61 5.19
CA ASP D 198 14.93 26.66 5.86
C ASP D 198 14.32 27.08 7.20
N SER D 199 13.00 27.25 7.22
CA SER D 199 12.33 27.66 8.44
C SER D 199 12.39 26.53 9.47
N LEU D 200 12.35 25.28 8.98
CA LEU D 200 12.46 24.15 9.88
C LEU D 200 13.82 24.15 10.55
N ALA D 201 14.87 24.35 9.77
CA ALA D 201 16.21 24.38 10.30
C ALA D 201 16.35 25.46 11.39
N SER D 202 15.78 26.63 11.14
CA SER D 202 15.82 27.71 12.11
C SER D 202 15.07 27.33 13.38
N LEU D 203 13.99 26.58 13.23
CA LEU D 203 13.26 26.14 14.40
C LEU D 203 14.18 25.41 15.34
N PHE D 204 15.05 24.59 14.78
CA PHE D 204 15.97 23.81 15.59
C PHE D 204 17.05 24.62 16.27
N SER D 205 17.74 25.45 15.51
CA SER D 205 18.84 26.23 16.05
C SER D 205 18.41 27.36 16.95
N GLU D 206 17.24 27.93 16.70
CA GLU D 206 16.82 29.10 17.44
C GLU D 206 15.79 28.80 18.53
N GLU D 207 15.05 27.71 18.41
CA GLU D 207 14.01 27.41 19.40
C GLU D 207 14.14 26.05 20.09
N ILE D 208 14.08 24.99 19.29
CA ILE D 208 14.01 23.65 19.83
C ILE D 208 15.24 23.25 20.62
N TYR D 209 16.43 23.43 20.07
CA TYR D 209 17.60 23.00 20.83
C TYR D 209 17.87 23.87 22.08
N PRO D 210 17.79 25.20 21.94
CA PRO D 210 18.07 26.02 23.11
C PRO D 210 17.03 25.93 24.23
N PHE D 211 15.75 25.84 23.88
CA PHE D 211 14.70 25.86 24.89
C PHE D 211 13.97 24.54 25.11
N CYS D 212 14.56 23.44 24.64
CA CYS D 212 13.93 22.13 24.79
C CYS D 212 13.45 21.85 26.24
N VAL D 213 14.27 22.20 27.22
CA VAL D 213 13.91 21.94 28.61
C VAL D 213 12.64 22.66 29.02
N LYS D 214 12.49 23.89 28.56
CA LYS D 214 11.29 24.65 28.89
C LYS D 214 10.08 24.00 28.24
N TYR D 215 10.26 23.47 27.02
CA TYR D 215 9.16 22.77 26.33
C TYR D 215 8.80 21.49 27.08
N TYR D 216 9.80 20.74 27.50
CA TYR D 216 9.59 19.51 28.25
C TYR D 216 8.82 19.75 29.54
N ALA D 217 9.23 20.78 30.28
CA ALA D 217 8.58 21.14 31.53
C ALA D 217 7.12 21.48 31.30
N GLU D 218 6.87 22.29 30.28
CA GLU D 218 5.52 22.71 29.92
C GLU D 218 4.66 21.48 29.63
N ALA D 219 5.25 20.50 28.95
CA ALA D 219 4.56 19.28 28.60
C ALA D 219 4.26 18.43 29.83
N GLN D 220 5.22 18.36 30.75
CA GLN D 220 5.00 17.59 31.96
C GLN D 220 4.03 18.31 32.89
N ARG D 221 3.94 19.61 32.76
CA ARG D 221 3.00 20.44 33.52
C ARG D 221 1.56 20.16 33.10
N ASP D 222 1.36 19.89 31.83
CA ASP D 222 0.02 19.70 31.28
C ASP D 222 -0.53 18.32 31.58
N LEU D 223 0.39 17.40 31.93
CA LEU D 223 0.07 16.09 32.52
C LEU D 223 -0.76 16.22 33.84
N GLU D 224 -0.64 17.34 34.56
CA GLU D 224 -1.32 17.47 35.88
C GLU D 224 -2.69 18.20 35.81
N ASP D 225 -2.69 19.47 35.43
CA ASP D 225 -3.86 20.36 35.59
C ASP D 225 -4.77 20.00 36.77
#